data_6GP3
#
_entry.id   6GP3
#
_cell.length_a   176.193
_cell.length_b   53.425
_cell.length_c   79.133
_cell.angle_alpha   90.00
_cell.angle_beta   108.53
_cell.angle_gamma   90.00
#
_symmetry.space_group_name_H-M   'C 1 2 1'
#
loop_
_entity.id
_entity.type
_entity.pdbx_description
1 polymer 'Ribonucleoside-diphosphate reductase beta chain'
2 non-polymer 'CALCIUM ION'
3 water water
#
_entity_poly.entity_id   1
_entity_poly.type   'polypeptide(L)'
_entity_poly.pdbx_seq_one_letter_code
;GHMASMAKIKNQYYNESVSPIEYAQQGFKGKMRSVNWNVVNDEKDLEVWNRITQNFWLPEKIPVSNDLTSWRTLTPEWQE
LITRTFTGLTLLDTIQATVGDVAQVPNSLTDHEQVIYTNFAFMVAVHARSYGSIFSTLCSSEQIEEAHEWVINTETLQER
AKALIPYYVNDDPLKSKVAAALMPGFLLYGGFYLPFYLSARGKLPNTSDIIRLILRDKVIHNYYSGYKYQKKVAKLSPEK
QAEMKEFVFKLLYELIDLEKAYLKELYEDFGLADDAIRFSVYNAGKFLQNLGYDSPFTEEETRIEPEIFTQLSARADENH
DFFSGNGSSYIMGVSEETEDDDWEF
;
_entity_poly.pdbx_strand_id   A,B
#
loop_
_chem_comp.id
_chem_comp.type
_chem_comp.name
_chem_comp.formula
CA non-polymer 'CALCIUM ION' 'Ca 2'
#
# COMPACT_ATOMS: atom_id res chain seq x y z
N GLY A 1 -11.55 -10.84 57.26
CA GLY A 1 -10.63 -11.28 56.22
C GLY A 1 -11.16 -11.03 54.82
N HIS A 2 -10.49 -11.61 53.83
CA HIS A 2 -10.86 -11.37 52.45
C HIS A 2 -10.25 -12.47 51.58
N MET A 3 -10.80 -12.62 50.38
CA MET A 3 -10.29 -13.58 49.42
C MET A 3 -9.20 -12.92 48.57
N ALA A 4 -8.04 -13.55 48.50
CA ALA A 4 -6.94 -13.03 47.69
C ALA A 4 -7.11 -13.49 46.25
N SER A 5 -7.14 -12.53 45.33
CA SER A 5 -7.30 -12.83 43.91
C SER A 5 -6.82 -11.68 43.03
N ILE A 9 -5.17 -10.66 32.92
CA ILE A 9 -4.43 -10.12 31.79
C ILE A 9 -5.03 -10.57 30.46
N LYS A 10 -5.68 -9.65 29.76
CA LYS A 10 -6.28 -9.96 28.47
C LYS A 10 -5.24 -9.82 27.36
N ASN A 11 -5.45 -10.61 26.30
CA ASN A 11 -4.62 -10.53 25.09
C ASN A 11 -3.16 -10.87 25.37
N GLN A 12 -2.96 -11.89 26.22
CA GLN A 12 -1.62 -12.40 26.48
C GLN A 12 -0.92 -12.86 25.21
N TYR A 13 -1.67 -13.36 24.22
CA TYR A 13 -1.06 -13.83 22.98
C TYR A 13 -0.18 -12.74 22.36
N TYR A 14 -0.55 -11.47 22.56
CA TYR A 14 0.16 -10.39 21.89
C TYR A 14 1.60 -10.29 22.36
N ASN A 15 1.83 -10.45 23.67
CA ASN A 15 3.18 -10.39 24.20
C ASN A 15 3.98 -11.66 23.89
N GLU A 16 3.30 -12.74 23.51
CA GLU A 16 3.93 -14.00 23.16
C GLU A 16 4.27 -14.11 21.68
N SER A 17 4.02 -13.06 20.89
CA SER A 17 4.11 -13.16 19.45
C SER A 17 4.77 -11.90 18.89
N VAL A 18 4.94 -11.89 17.56
CA VAL A 18 5.57 -10.79 16.85
C VAL A 18 4.80 -10.53 15.57
N SER A 19 4.86 -9.29 15.09
CA SER A 19 4.33 -9.02 13.76
C SER A 19 5.24 -9.68 12.71
N PRO A 20 4.74 -9.89 11.50
CA PRO A 20 5.60 -10.45 10.45
C PRO A 20 6.89 -9.66 10.21
N ILE A 21 6.81 -8.33 10.25
CA ILE A 21 8.03 -7.52 10.11
C ILE A 21 9.00 -7.84 11.24
N GLU A 22 8.50 -7.92 12.47
CA GLU A 22 9.37 -8.19 13.61
C GLU A 22 9.96 -9.58 13.52
N TYR A 23 9.17 -10.56 13.05
CA TYR A 23 9.68 -11.90 12.80
C TYR A 23 10.89 -11.86 11.88
N ALA A 24 10.79 -11.12 10.78
CA ALA A 24 11.92 -10.97 9.86
C ALA A 24 13.06 -10.21 10.51
N GLN A 25 12.75 -9.13 11.25
CA GLN A 25 13.80 -8.33 11.88
C GLN A 25 14.59 -9.15 12.88
N GLN A 26 13.94 -10.10 13.56
CA GLN A 26 14.60 -10.96 14.54
C GLN A 26 15.31 -12.15 13.92
N GLY A 27 15.51 -12.18 12.61
CA GLY A 27 16.17 -13.30 11.98
C GLY A 27 15.29 -14.51 11.77
N PHE A 28 14.03 -14.29 11.40
CA PHE A 28 13.05 -15.35 11.19
C PHE A 28 12.82 -16.18 12.46
N LYS A 29 12.51 -15.47 13.55
CA LYS A 29 12.28 -16.11 14.83
C LYS A 29 11.01 -15.52 15.44
N GLY A 30 10.22 -16.40 16.06
CA GLY A 30 9.04 -15.98 16.79
C GLY A 30 7.75 -16.52 16.21
N LYS A 31 6.69 -16.47 17.01
N LYS A 31 6.69 -16.49 17.01
CA LYS A 31 5.36 -16.85 16.55
CA LYS A 31 5.36 -16.85 16.55
C LYS A 31 4.69 -15.60 16.00
C LYS A 31 4.69 -15.59 15.99
N MET A 32 4.16 -15.68 14.78
CA MET A 32 3.59 -14.51 14.13
C MET A 32 2.12 -14.34 14.47
N ARG A 33 1.74 -13.11 14.81
CA ARG A 33 0.35 -12.76 15.06
C ARG A 33 -0.26 -12.01 13.89
N SER A 34 -1.54 -12.28 13.65
N SER A 34 -1.52 -12.28 13.65
CA SER A 34 -2.33 -11.44 12.78
CA SER A 34 -2.30 -11.46 12.73
C SER A 34 -2.43 -10.04 13.37
C SER A 34 -2.55 -10.09 13.35
N VAL A 35 -2.72 -9.07 12.50
CA VAL A 35 -3.18 -7.79 13.01
C VAL A 35 -4.51 -8.02 13.72
N ASN A 36 -4.74 -7.28 14.79
CA ASN A 36 -5.99 -7.35 15.53
C ASN A 36 -6.67 -6.00 15.41
N TRP A 37 -7.64 -5.90 14.50
CA TRP A 37 -8.39 -4.65 14.33
C TRP A 37 -9.53 -4.53 15.34
N ASN A 38 -9.70 -5.52 16.22
CA ASN A 38 -10.71 -5.45 17.26
C ASN A 38 -10.16 -4.91 18.57
N VAL A 39 -8.84 -4.99 18.76
CA VAL A 39 -8.17 -4.50 19.96
C VAL A 39 -7.01 -3.65 19.46
N VAL A 40 -7.25 -2.36 19.32
CA VAL A 40 -6.29 -1.44 18.70
C VAL A 40 -5.46 -0.81 19.81
N ASN A 41 -4.13 -0.99 19.74
CA ASN A 41 -3.25 -0.55 20.83
C ASN A 41 -3.30 0.97 21.02
N ASP A 42 -3.35 1.72 19.94
CA ASP A 42 -3.41 3.18 19.99
C ASP A 42 -4.62 3.62 19.16
N GLU A 43 -5.63 4.15 19.84
N GLU A 43 -5.63 4.17 19.83
CA GLU A 43 -6.84 4.61 19.16
CA GLU A 43 -6.84 4.56 19.11
C GLU A 43 -6.55 5.59 18.04
C GLU A 43 -6.61 5.67 18.10
N LYS A 44 -5.48 6.38 18.17
CA LYS A 44 -5.13 7.32 17.11
C LYS A 44 -4.95 6.60 15.78
N ASP A 45 -4.41 5.37 15.80
CA ASP A 45 -4.24 4.62 14.56
C ASP A 45 -5.58 4.33 13.91
N LEU A 46 -6.59 3.94 14.70
CA LEU A 46 -7.90 3.67 14.11
C LEU A 46 -8.51 4.95 13.56
N GLU A 47 -8.38 6.06 14.28
CA GLU A 47 -8.88 7.35 13.79
C GLU A 47 -8.25 7.71 12.46
N VAL A 48 -6.93 7.57 12.35
CA VAL A 48 -6.22 7.93 11.13
C VAL A 48 -6.58 6.97 9.99
N TRP A 49 -6.62 5.67 10.26
CA TRP A 49 -7.09 4.72 9.25
C TRP A 49 -8.45 5.12 8.71
N ASN A 50 -9.39 5.44 9.60
CA ASN A 50 -10.72 5.80 9.15
C ASN A 50 -10.70 7.07 8.30
N ARG A 51 -9.95 8.08 8.74
N ARG A 51 -9.95 8.08 8.72
CA ARG A 51 -9.90 9.33 7.99
CA ARG A 51 -9.95 9.32 7.97
C ARG A 51 -9.33 9.12 6.60
C ARG A 51 -9.32 9.15 6.59
N ILE A 52 -8.17 8.47 6.51
CA ILE A 52 -7.47 8.40 5.23
C ILE A 52 -8.24 7.54 4.24
N THR A 53 -8.87 6.47 4.71
CA THR A 53 -9.62 5.59 3.80
C THR A 53 -10.93 6.25 3.37
N GLN A 54 -11.58 6.97 4.27
N GLN A 54 -11.59 6.98 4.27
CA GLN A 54 -12.78 7.71 3.89
CA GLN A 54 -12.80 7.69 3.87
C GLN A 54 -12.49 8.87 2.97
C GLN A 54 -12.47 8.83 2.91
N ASN A 55 -11.25 9.35 2.95
CA ASN A 55 -10.82 10.43 2.06
C ASN A 55 -10.29 9.93 0.73
N PHE A 56 -10.39 8.64 0.44
CA PHE A 56 -9.97 8.13 -0.86
C PHE A 56 -10.59 8.93 -2.00
N TRP A 57 -9.77 9.23 -2.99
CA TRP A 57 -10.23 9.94 -4.18
C TRP A 57 -9.31 9.55 -5.32
N LEU A 58 -9.79 9.80 -6.54
CA LEU A 58 -9.01 9.67 -7.75
C LEU A 58 -9.22 10.93 -8.57
N PRO A 59 -8.29 11.26 -9.47
CA PRO A 59 -8.41 12.54 -10.20
C PRO A 59 -9.63 12.63 -11.08
N GLU A 60 -10.25 11.49 -11.44
CA GLU A 60 -11.50 11.52 -12.21
C GLU A 60 -12.62 12.27 -11.50
N LYS A 61 -12.49 12.51 -10.20
N LYS A 61 -12.45 12.53 -10.20
CA LYS A 61 -13.50 13.27 -9.47
CA LYS A 61 -13.45 13.28 -9.44
C LYS A 61 -13.58 14.73 -9.92
C LYS A 61 -13.59 14.71 -9.95
N ILE A 62 -12.54 15.26 -10.55
CA ILE A 62 -12.45 16.68 -10.85
C ILE A 62 -12.55 16.90 -12.36
N PRO A 63 -13.42 17.79 -12.82
CA PRO A 63 -13.59 18.07 -14.27
C PRO A 63 -12.49 19.00 -14.78
N VAL A 64 -11.25 18.47 -14.89
N VAL A 64 -11.29 18.42 -14.92
CA VAL A 64 -10.13 19.33 -15.27
CA VAL A 64 -10.11 19.18 -15.30
C VAL A 64 -10.30 19.90 -16.69
C VAL A 64 -10.26 19.84 -16.66
N SER A 65 -11.04 19.23 -17.56
CA SER A 65 -11.25 19.81 -18.89
C SER A 65 -11.92 21.19 -18.82
N ASN A 66 -12.63 21.51 -17.73
CA ASN A 66 -13.19 22.84 -17.60
C ASN A 66 -12.13 23.90 -17.36
N ASP A 67 -10.87 23.50 -17.17
CA ASP A 67 -9.78 24.47 -17.11
C ASP A 67 -9.22 24.85 -18.48
N LEU A 68 -9.67 24.20 -19.56
CA LEU A 68 -9.06 24.46 -20.87
C LEU A 68 -9.25 25.91 -21.31
N THR A 69 -10.43 26.50 -21.08
CA THR A 69 -10.65 27.88 -21.51
C THR A 69 -9.62 28.80 -20.88
N SER A 70 -9.41 28.69 -19.57
CA SER A 70 -8.43 29.57 -18.94
C SER A 70 -7.00 29.18 -19.27
N TRP A 71 -6.71 27.89 -19.43
CA TRP A 71 -5.39 27.46 -19.85
C TRP A 71 -4.97 28.11 -21.15
N ARG A 72 -5.90 28.19 -22.11
CA ARG A 72 -5.59 28.75 -23.42
C ARG A 72 -5.32 30.24 -23.37
N THR A 73 -5.71 30.93 -22.30
CA THR A 73 -5.36 32.34 -22.15
C THR A 73 -3.94 32.56 -21.65
N LEU A 74 -3.25 31.50 -21.22
CA LEU A 74 -1.89 31.62 -20.70
C LEU A 74 -0.89 31.53 -21.85
N THR A 75 0.19 32.30 -21.71
CA THR A 75 1.24 32.27 -22.72
C THR A 75 1.95 30.93 -22.69
N PRO A 76 2.68 30.59 -23.76
CA PRO A 76 3.51 29.36 -23.71
C PRO A 76 4.47 29.34 -22.55
N GLU A 77 4.99 30.50 -22.14
CA GLU A 77 5.93 30.53 -21.02
C GLU A 77 5.26 30.17 -19.71
N TRP A 78 4.04 30.67 -19.48
CA TRP A 78 3.29 30.27 -18.29
C TRP A 78 2.94 28.80 -18.33
N GLN A 79 2.52 28.28 -19.48
CA GLN A 79 2.19 26.87 -19.59
C GLN A 79 3.40 26.00 -19.30
N GLU A 80 4.56 26.40 -19.79
CA GLU A 80 5.82 25.70 -19.49
C GLU A 80 6.12 25.73 -18.00
N LEU A 81 5.98 26.89 -17.36
CA LEU A 81 6.21 26.99 -15.93
C LEU A 81 5.33 26.02 -15.15
N ILE A 82 4.05 25.95 -15.52
CA ILE A 82 3.12 25.08 -14.80
C ILE A 82 3.51 23.62 -14.98
N THR A 83 3.82 23.23 -16.22
CA THR A 83 4.19 21.84 -16.49
C THR A 83 5.47 21.47 -15.76
N ARG A 84 6.46 22.35 -15.77
CA ARG A 84 7.70 22.09 -15.03
C ARG A 84 7.44 22.00 -13.53
N THR A 85 6.73 22.97 -12.97
CA THR A 85 6.47 22.97 -11.53
C THR A 85 5.79 21.68 -11.13
N PHE A 86 4.77 21.29 -11.87
CA PHE A 86 4.02 20.09 -11.51
C PHE A 86 4.83 18.83 -11.72
N THR A 87 5.68 18.77 -12.75
CA THR A 87 6.53 17.59 -12.92
C THR A 87 7.55 17.51 -11.78
N GLY A 88 8.03 18.64 -11.28
CA GLY A 88 8.89 18.60 -10.11
C GLY A 88 8.16 18.11 -8.86
N LEU A 89 6.88 18.47 -8.71
CA LEU A 89 6.10 17.92 -7.60
C LEU A 89 5.87 16.43 -7.78
N THR A 90 5.65 16.00 -9.01
CA THR A 90 5.47 14.57 -9.30
C THR A 90 6.72 13.80 -8.91
N LEU A 91 7.91 14.38 -9.10
CA LEU A 91 9.14 13.71 -8.70
C LEU A 91 9.16 13.49 -7.19
N LEU A 92 8.83 14.52 -6.41
CA LEU A 92 8.84 14.38 -4.96
C LEU A 92 7.82 13.37 -4.50
N ASP A 93 6.63 13.36 -5.11
CA ASP A 93 5.64 12.33 -4.78
C ASP A 93 6.14 10.94 -5.16
N THR A 94 6.82 10.80 -6.30
CA THR A 94 7.36 9.51 -6.68
C THR A 94 8.34 9.01 -5.63
N ILE A 95 9.20 9.88 -5.12
CA ILE A 95 10.13 9.51 -4.06
C ILE A 95 9.38 9.05 -2.83
N GLN A 96 8.37 9.81 -2.41
CA GLN A 96 7.67 9.48 -1.18
C GLN A 96 6.85 8.20 -1.32
N ALA A 97 6.24 7.97 -2.48
CA ALA A 97 5.40 6.80 -2.67
C ALA A 97 6.23 5.53 -2.76
N THR A 98 7.41 5.58 -3.37
CA THR A 98 8.17 4.37 -3.64
C THR A 98 9.30 4.13 -2.67
N VAL A 99 9.76 5.16 -1.96
CA VAL A 99 10.86 5.07 -1.02
C VAL A 99 10.45 5.50 0.39
N GLY A 100 9.91 6.72 0.51
CA GLY A 100 9.80 7.35 1.83
C GLY A 100 8.74 6.74 2.74
N ASP A 101 7.50 6.66 2.25
CA ASP A 101 6.44 6.12 3.09
C ASP A 101 6.59 4.62 3.30
N VAL A 102 7.03 3.91 2.25
N VAL A 102 7.06 3.88 2.28
CA VAL A 102 7.34 2.49 2.37
CA VAL A 102 7.25 2.44 2.52
C VAL A 102 8.34 2.26 3.49
C VAL A 102 8.40 2.20 3.50
N ALA A 103 9.37 3.10 3.57
CA ALA A 103 10.42 2.95 4.57
C ALA A 103 9.89 3.10 5.99
N GLN A 104 8.74 3.73 6.18
CA GLN A 104 8.21 3.89 7.53
C GLN A 104 7.55 2.63 8.05
N VAL A 105 7.12 1.74 7.15
CA VAL A 105 6.41 0.52 7.54
C VAL A 105 7.15 -0.24 8.64
N PRO A 106 8.42 -0.63 8.47
CA PRO A 106 9.09 -1.43 9.50
C PRO A 106 9.50 -0.66 10.74
N ASN A 107 9.34 0.66 10.75
CA ASN A 107 9.69 1.45 11.93
C ASN A 107 8.49 1.79 12.78
N SER A 108 7.37 1.12 12.54
CA SER A 108 6.12 1.42 13.21
C SER A 108 6.12 0.92 14.65
N LEU A 109 5.41 1.67 15.50
CA LEU A 109 5.18 1.28 16.88
C LEU A 109 4.09 0.23 17.03
N THR A 110 3.14 0.17 16.09
CA THR A 110 2.00 -0.73 16.20
C THR A 110 1.78 -1.44 14.87
N ASP A 111 1.04 -2.55 14.94
CA ASP A 111 0.70 -3.28 13.73
C ASP A 111 -0.18 -2.44 12.81
N HIS A 112 -1.05 -1.62 13.39
CA HIS A 112 -1.97 -0.81 12.60
C HIS A 112 -1.22 0.27 11.84
N GLU A 113 -0.21 0.86 12.48
CA GLU A 113 0.62 1.87 11.84
C GLU A 113 1.34 1.27 10.62
N GLN A 114 1.77 0.02 10.71
CA GLN A 114 2.45 -0.60 9.57
C GLN A 114 1.61 -0.50 8.31
N VAL A 115 0.31 -0.78 8.41
CA VAL A 115 -0.52 -0.74 7.21
C VAL A 115 -1.01 0.66 6.89
N ILE A 116 -1.12 1.55 7.88
CA ILE A 116 -1.43 2.95 7.58
C ILE A 116 -0.39 3.53 6.62
N TYR A 117 0.89 3.21 6.81
CA TYR A 117 1.89 3.74 5.90
C TYR A 117 1.79 3.15 4.49
N THR A 118 1.19 1.95 4.33
CA THR A 118 0.93 1.48 2.97
C THR A 118 -0.16 2.30 2.31
N ASN A 119 -1.16 2.73 3.08
CA ASN A 119 -2.13 3.67 2.52
C ASN A 119 -1.44 4.98 2.13
N PHE A 120 -0.55 5.50 2.98
CA PHE A 120 0.09 6.76 2.65
C PHE A 120 0.84 6.64 1.35
N ALA A 121 1.60 5.56 1.17
CA ALA A 121 2.39 5.39 -0.04
C ALA A 121 1.50 5.33 -1.26
N PHE A 122 0.43 4.55 -1.19
CA PHE A 122 -0.50 4.47 -2.32
C PHE A 122 -1.13 5.84 -2.60
N MET A 123 -1.58 6.54 -1.57
CA MET A 123 -2.23 7.82 -1.84
C MET A 123 -1.25 8.84 -2.42
N VAL A 124 0.02 8.83 -2.01
CA VAL A 124 0.99 9.72 -2.65
C VAL A 124 1.19 9.31 -4.10
N ALA A 125 1.11 8.01 -4.42
CA ALA A 125 1.13 7.59 -5.82
C ALA A 125 -0.05 8.17 -6.58
N VAL A 126 -1.24 8.25 -5.94
CA VAL A 126 -2.39 8.92 -6.55
C VAL A 126 -2.11 10.41 -6.76
N HIS A 127 -1.46 11.06 -5.80
CA HIS A 127 -1.07 12.46 -6.00
C HIS A 127 -0.24 12.60 -7.27
N ALA A 128 0.80 11.77 -7.41
CA ALA A 128 1.63 11.85 -8.60
C ALA A 128 0.81 11.57 -9.86
N ARG A 129 -0.06 10.58 -9.80
N ARG A 129 -0.06 10.58 -9.81
CA ARG A 129 -0.95 10.27 -10.92
CA ARG A 129 -0.84 10.24 -11.01
C ARG A 129 -1.76 11.48 -11.34
C ARG A 129 -1.79 11.37 -11.39
N SER A 130 -2.27 12.25 -10.36
N SER A 130 -2.20 12.18 -10.40
CA SER A 130 -3.18 13.34 -10.68
CA SER A 130 -3.13 13.28 -10.68
C SER A 130 -2.50 14.44 -11.48
C SER A 130 -2.47 14.34 -11.56
N TYR A 131 -1.19 14.65 -11.33
CA TYR A 131 -0.52 15.60 -12.21
C TYR A 131 -0.52 15.09 -13.64
N GLY A 132 -0.31 13.78 -13.82
CA GLY A 132 -0.40 13.20 -15.14
C GLY A 132 -1.77 13.38 -15.75
N SER A 133 -2.83 13.25 -14.94
N SER A 133 -2.82 13.26 -14.93
CA SER A 133 -4.17 13.48 -15.46
CA SER A 133 -4.17 13.47 -15.42
C SER A 133 -4.34 14.93 -15.91
C SER A 133 -4.37 14.92 -15.89
N ILE A 134 -3.81 15.87 -15.14
CA ILE A 134 -3.86 17.27 -15.54
C ILE A 134 -3.13 17.46 -16.87
N PHE A 135 -1.93 16.87 -17.00
CA PHE A 135 -1.16 17.02 -18.22
C PHE A 135 -1.87 16.40 -19.40
N SER A 136 -2.50 15.24 -19.21
N SER A 136 -2.52 15.25 -19.21
N SER A 136 -2.51 15.25 -19.20
CA SER A 136 -3.24 14.60 -20.28
CA SER A 136 -3.21 14.61 -20.33
CA SER A 136 -3.23 14.60 -20.30
C SER A 136 -4.31 15.53 -20.84
C SER A 136 -4.36 15.47 -20.83
C SER A 136 -4.34 15.50 -20.83
N THR A 137 -4.94 16.31 -19.96
CA THR A 137 -6.03 17.17 -20.35
C THR A 137 -5.52 18.46 -20.98
N LEU A 138 -4.50 19.08 -20.40
CA LEU A 138 -4.09 20.43 -20.78
C LEU A 138 -2.90 20.50 -21.71
N CYS A 139 -1.94 19.60 -21.60
CA CYS A 139 -0.61 19.82 -22.18
C CYS A 139 -0.41 19.03 -23.47
N SER A 140 0.44 19.56 -24.35
CA SER A 140 0.84 18.78 -25.50
C SER A 140 1.90 17.76 -25.09
N SER A 141 2.10 16.75 -25.95
N SER A 141 2.10 16.76 -25.96
CA SER A 141 3.15 15.78 -25.67
CA SER A 141 3.15 15.78 -25.73
C SER A 141 4.52 16.45 -25.59
C SER A 141 4.50 16.44 -25.60
N GLU A 142 4.74 17.50 -26.38
CA GLU A 142 6.00 18.21 -26.33
C GLU A 142 6.21 18.92 -25.00
N GLN A 143 5.15 19.57 -24.49
CA GLN A 143 5.28 20.23 -23.19
C GLN A 143 5.61 19.22 -22.10
N ILE A 144 4.96 18.06 -22.14
CA ILE A 144 5.17 17.02 -21.14
C ILE A 144 6.61 16.52 -21.18
N GLU A 145 7.11 16.22 -22.38
CA GLU A 145 8.46 15.68 -22.49
C GLU A 145 9.50 16.72 -22.09
N GLU A 146 9.31 17.96 -22.53
N GLU A 146 9.32 17.96 -22.50
CA GLU A 146 10.23 19.05 -22.14
CA GLU A 146 10.29 18.99 -22.14
C GLU A 146 10.34 19.15 -20.64
C GLU A 146 10.34 19.19 -20.64
N ALA A 147 9.21 19.05 -19.94
CA ALA A 147 9.24 19.19 -18.50
C ALA A 147 10.00 18.05 -17.83
N HIS A 148 9.85 16.82 -18.34
CA HIS A 148 10.64 15.71 -17.78
C HIS A 148 12.11 15.91 -18.01
N GLU A 149 12.50 16.38 -19.20
N GLU A 149 12.49 16.40 -19.19
CA GLU A 149 13.90 16.68 -19.48
CA GLU A 149 13.91 16.64 -19.44
C GLU A 149 14.41 17.74 -18.51
C GLU A 149 14.45 17.78 -18.59
N TRP A 150 13.62 18.78 -18.31
CA TRP A 150 14.03 19.85 -17.41
C TRP A 150 14.19 19.31 -15.99
N VAL A 151 13.31 18.40 -15.57
CA VAL A 151 13.40 17.87 -14.20
C VAL A 151 14.73 17.16 -13.98
N ILE A 152 15.14 16.31 -14.92
CA ILE A 152 16.35 15.52 -14.68
C ILE A 152 17.59 16.39 -14.72
N ASN A 153 17.54 17.51 -15.44
CA ASN A 153 18.72 18.33 -15.70
C ASN A 153 18.81 19.57 -14.82
N THR A 154 17.87 19.79 -13.91
CA THR A 154 17.86 21.00 -13.09
C THR A 154 18.43 20.66 -11.70
N GLU A 155 19.66 21.11 -11.46
CA GLU A 155 20.37 20.69 -10.26
C GLU A 155 19.71 21.18 -8.98
N THR A 156 19.13 22.39 -8.99
CA THR A 156 18.47 22.85 -7.77
C THR A 156 17.28 21.97 -7.41
N LEU A 157 16.63 21.38 -8.41
N LEU A 157 16.62 21.40 -8.42
CA LEU A 157 15.55 20.44 -8.12
CA LEU A 157 15.56 20.45 -8.16
C LEU A 157 16.10 19.09 -7.67
C LEU A 157 16.14 19.14 -7.65
N GLN A 158 17.12 18.60 -8.36
CA GLN A 158 17.72 17.32 -7.99
C GLN A 158 18.25 17.34 -6.56
N GLU A 159 18.85 18.47 -6.12
CA GLU A 159 19.39 18.51 -4.77
C GLU A 159 18.31 18.36 -3.73
N ARG A 160 17.12 18.88 -4.00
CA ARG A 160 16.00 18.66 -3.08
C ARG A 160 15.53 17.21 -3.13
N ALA A 161 15.49 16.62 -4.32
CA ALA A 161 15.07 15.23 -4.46
C ALA A 161 16.05 14.29 -3.76
N LYS A 162 17.34 14.63 -3.78
CA LYS A 162 18.37 13.81 -3.17
C LYS A 162 18.36 13.93 -1.65
N ALA A 163 17.83 15.03 -1.10
CA ALA A 163 18.15 15.42 0.27
C ALA A 163 17.62 14.44 1.31
N LEU A 164 16.42 13.91 1.13
CA LEU A 164 15.83 13.08 2.16
C LEU A 164 16.12 11.60 1.97
N ILE A 165 16.53 11.19 0.77
CA ILE A 165 16.65 9.76 0.48
C ILE A 165 17.63 9.04 1.40
N PRO A 166 18.79 9.59 1.76
CA PRO A 166 19.66 8.87 2.69
C PRO A 166 19.01 8.58 4.02
N TYR A 167 18.13 9.44 4.53
CA TYR A 167 17.48 9.14 5.81
C TYR A 167 16.54 7.95 5.69
N TYR A 168 15.91 7.78 4.53
CA TYR A 168 15.02 6.66 4.35
C TYR A 168 15.78 5.36 4.24
N VAL A 169 16.98 5.37 3.64
CA VAL A 169 17.72 4.14 3.42
C VAL A 169 18.67 3.79 4.55
N ASN A 170 19.09 4.77 5.35
CA ASN A 170 19.99 4.52 6.46
C ASN A 170 19.23 4.00 7.68
N ASP A 171 19.96 3.66 8.74
CA ASP A 171 19.42 2.85 9.83
C ASP A 171 19.02 3.66 11.08
N ASP A 172 18.67 4.93 10.92
CA ASP A 172 18.19 5.71 12.05
C ASP A 172 16.69 5.97 11.89
N PRO A 173 15.83 5.23 12.60
CA PRO A 173 14.38 5.35 12.33
C PRO A 173 13.81 6.70 12.67
N LEU A 174 14.39 7.40 13.65
N LEU A 174 14.38 7.42 13.63
CA LEU A 174 13.87 8.71 14.03
CA LEU A 174 13.80 8.71 13.99
C LEU A 174 14.14 9.74 12.94
C LEU A 174 14.16 9.79 12.98
N LYS A 175 15.35 9.73 12.39
CA LYS A 175 15.67 10.66 11.31
C LYS A 175 14.84 10.35 10.08
N SER A 176 14.61 9.07 9.80
CA SER A 176 13.74 8.68 8.70
C SER A 176 12.32 9.20 8.92
N LYS A 177 11.84 9.16 10.15
N LYS A 177 11.83 9.17 10.15
CA LYS A 177 10.50 9.65 10.47
CA LYS A 177 10.47 9.67 10.42
C LYS A 177 10.41 11.17 10.27
C LYS A 177 10.41 11.18 10.27
N VAL A 178 11.46 11.89 10.69
CA VAL A 178 11.49 13.35 10.45
C VAL A 178 11.38 13.64 8.97
N ALA A 179 12.17 12.94 8.16
CA ALA A 179 12.07 13.10 6.70
C ALA A 179 10.66 12.82 6.22
N ALA A 180 10.02 11.77 6.75
CA ALA A 180 8.67 11.43 6.31
C ALA A 180 7.65 12.49 6.67
N ALA A 181 7.89 13.27 7.73
CA ALA A 181 7.01 14.42 8.01
C ALA A 181 7.38 15.63 7.16
N LEU A 182 8.67 15.83 6.88
N LEU A 182 8.67 15.84 6.89
CA LEU A 182 9.10 17.01 6.16
CA LEU A 182 9.11 17.01 6.14
C LEU A 182 8.63 17.02 4.71
C LEU A 182 8.56 17.01 4.73
N MET A 183 8.54 15.85 4.09
CA MET A 183 8.07 15.79 2.70
C MET A 183 6.65 16.31 2.54
N PRO A 184 5.64 15.75 3.22
CA PRO A 184 4.28 16.30 3.10
C PRO A 184 4.10 17.59 3.83
N GLY A 185 4.90 17.86 4.85
CA GLY A 185 4.67 19.03 5.66
C GLY A 185 5.33 20.30 5.14
N PHE A 186 6.31 20.17 4.26
CA PHE A 186 7.06 21.35 3.85
C PHE A 186 7.41 21.42 2.35
N LEU A 187 7.97 20.35 1.80
N LEU A 187 8.00 20.35 1.81
CA LEU A 187 8.79 20.50 0.61
CA LEU A 187 8.78 20.48 0.58
C LEU A 187 8.01 20.80 -0.66
C LEU A 187 7.95 20.98 -0.60
N LEU A 188 6.70 20.53 -0.70
CA LEU A 188 5.94 20.80 -1.92
C LEU A 188 5.19 22.13 -1.91
N TYR A 189 5.18 22.84 -0.79
CA TYR A 189 4.34 24.05 -0.71
C TYR A 189 4.79 25.16 -1.64
N GLY A 190 6.11 25.31 -1.87
CA GLY A 190 6.57 26.34 -2.80
C GLY A 190 6.03 26.14 -4.20
N GLY A 191 5.77 24.89 -4.58
CA GLY A 191 5.11 24.54 -5.82
C GLY A 191 3.61 24.70 -5.78
N PHE A 192 2.97 24.33 -4.67
CA PHE A 192 1.53 24.54 -4.54
C PHE A 192 1.16 26.02 -4.60
N TYR A 193 2.10 26.92 -4.27
CA TYR A 193 1.84 28.35 -4.41
C TYR A 193 1.33 28.68 -5.80
N LEU A 194 1.91 28.06 -6.83
CA LEU A 194 1.60 28.42 -8.21
C LEU A 194 0.13 28.19 -8.58
N PRO A 195 -0.44 27.00 -8.43
CA PRO A 195 -1.87 26.85 -8.76
C PRO A 195 -2.77 27.79 -7.97
N PHE A 196 -2.42 28.07 -6.72
CA PHE A 196 -3.26 28.97 -5.92
C PHE A 196 -3.14 30.41 -6.41
N TYR A 197 -1.94 30.85 -6.77
CA TYR A 197 -1.76 32.15 -7.39
C TYR A 197 -2.63 32.28 -8.63
N LEU A 198 -2.63 31.23 -9.46
CA LEU A 198 -3.42 31.24 -10.69
C LEU A 198 -4.91 31.24 -10.40
N SER A 199 -5.36 30.37 -9.50
N SER A 199 -5.36 30.37 -9.50
N SER A 199 -5.36 30.35 -9.52
CA SER A 199 -6.80 30.28 -9.26
CA SER A 199 -6.80 30.27 -9.24
CA SER A 199 -6.77 30.25 -9.20
C SER A 199 -7.34 31.48 -8.51
C SER A 199 -7.34 31.51 -8.54
C SER A 199 -7.30 31.54 -8.60
N ALA A 200 -6.50 32.19 -7.74
CA ALA A 200 -6.92 33.46 -7.17
C ALA A 200 -7.15 34.52 -8.25
N ARG A 201 -6.57 34.34 -9.44
CA ARG A 201 -6.77 35.22 -10.57
C ARG A 201 -7.67 34.57 -11.63
N GLY A 202 -8.44 33.56 -11.26
CA GLY A 202 -9.41 32.97 -12.15
C GLY A 202 -8.86 31.99 -13.17
N LYS A 203 -7.61 31.57 -13.04
CA LYS A 203 -7.00 30.65 -13.99
C LYS A 203 -6.88 29.27 -13.35
N LEU A 204 -7.20 28.24 -14.14
CA LEU A 204 -7.12 26.85 -13.71
C LEU A 204 -7.81 26.57 -12.37
N PRO A 205 -9.07 26.99 -12.20
CA PRO A 205 -9.73 26.74 -10.91
C PRO A 205 -9.90 25.26 -10.57
N ASN A 206 -10.13 24.42 -11.57
CA ASN A 206 -10.36 23.01 -11.27
C ASN A 206 -9.08 22.31 -10.85
N THR A 207 -7.94 22.71 -11.42
CA THR A 207 -6.66 22.19 -10.97
C THR A 207 -6.46 22.45 -9.48
N SER A 208 -6.86 23.62 -9.00
N SER A 208 -6.87 23.61 -9.00
CA SER A 208 -6.69 23.88 -7.56
CA SER A 208 -6.72 23.90 -7.58
C SER A 208 -7.59 22.99 -6.70
C SER A 208 -7.57 22.98 -6.71
N ASP A 209 -8.69 22.48 -7.24
CA ASP A 209 -9.47 21.48 -6.51
C ASP A 209 -8.69 20.17 -6.36
N ILE A 210 -7.95 19.77 -7.39
N ILE A 210 -7.94 19.79 -7.39
CA ILE A 210 -7.06 18.62 -7.22
CA ILE A 210 -7.03 18.64 -7.29
C ILE A 210 -6.03 18.91 -6.14
C ILE A 210 -5.98 18.89 -6.22
N ILE A 211 -5.39 20.09 -6.21
CA ILE A 211 -4.38 20.42 -5.21
C ILE A 211 -4.96 20.32 -3.81
N ARG A 212 -6.18 20.80 -3.61
CA ARG A 212 -6.77 20.73 -2.27
C ARG A 212 -7.06 19.29 -1.83
N LEU A 213 -7.41 18.41 -2.76
CA LEU A 213 -7.57 16.99 -2.41
C LEU A 213 -6.22 16.40 -2.00
N ILE A 214 -5.16 16.78 -2.72
CA ILE A 214 -3.81 16.34 -2.34
C ILE A 214 -3.46 16.84 -0.95
N LEU A 215 -3.72 18.12 -0.70
CA LEU A 215 -3.37 18.72 0.60
C LEU A 215 -4.11 18.05 1.72
N ARG A 216 -5.38 17.69 1.50
CA ARG A 216 -6.13 17.05 2.57
C ARG A 216 -5.42 15.79 3.06
N ASP A 217 -4.80 15.06 2.13
CA ASP A 217 -3.97 13.90 2.49
C ASP A 217 -2.66 14.33 3.12
N LYS A 218 -1.93 15.27 2.49
CA LYS A 218 -0.61 15.65 2.98
C LYS A 218 -0.67 16.13 4.42
N VAL A 219 -1.70 16.91 4.76
N VAL A 219 -1.71 16.88 4.79
CA VAL A 219 -1.85 17.42 6.11
CA VAL A 219 -1.76 17.41 6.16
C VAL A 219 -1.86 16.26 7.11
C VAL A 219 -1.96 16.30 7.18
N ILE A 220 -2.63 15.21 6.80
CA ILE A 220 -2.70 14.06 7.71
C ILE A 220 -1.38 13.32 7.73
N HIS A 221 -0.73 13.17 6.58
CA HIS A 221 0.56 12.46 6.58
C HIS A 221 1.57 13.18 7.47
N ASN A 222 1.62 14.51 7.39
N ASN A 222 1.62 14.51 7.37
CA ASN A 222 2.53 15.25 8.25
CA ASN A 222 2.50 15.31 8.22
C ASN A 222 2.12 15.14 9.71
C ASN A 222 2.11 15.16 9.69
N TYR A 223 0.82 15.29 9.99
CA TYR A 223 0.35 15.19 11.36
C TYR A 223 0.71 13.84 11.97
N TYR A 224 0.48 12.77 11.22
CA TYR A 224 0.64 11.44 11.78
C TYR A 224 2.10 11.09 11.97
N SER A 225 2.94 11.41 10.98
CA SER A 225 4.37 11.20 11.17
C SER A 225 4.90 12.00 12.34
N GLY A 226 4.42 13.25 12.50
CA GLY A 226 4.83 14.04 13.65
C GLY A 226 4.34 13.46 14.96
N TYR A 227 3.13 12.89 14.97
CA TYR A 227 2.59 12.24 16.16
C TYR A 227 3.47 11.05 16.58
N LYS A 228 3.84 10.23 15.61
CA LYS A 228 4.65 9.04 15.90
C LYS A 228 6.08 9.43 16.27
N TYR A 229 6.63 10.48 15.65
CA TYR A 229 7.91 11.03 16.07
C TYR A 229 7.86 11.40 17.54
N GLN A 230 6.84 12.16 17.94
CA GLN A 230 6.76 12.60 19.33
C GLN A 230 6.57 11.41 20.26
N LYS A 231 5.80 10.41 19.86
N LYS A 231 5.77 10.42 19.86
CA LYS A 231 5.54 9.26 20.72
CA LYS A 231 5.54 9.25 20.70
C LYS A 231 6.84 8.54 21.06
C LYS A 231 6.86 8.57 21.07
N LYS A 232 7.74 8.40 20.08
CA LYS A 232 9.02 7.76 20.35
C LYS A 232 9.95 8.69 21.12
N VAL A 233 10.06 9.96 20.68
N VAL A 233 10.05 9.96 20.70
CA VAL A 233 11.04 10.87 21.27
CA VAL A 233 11.07 10.83 21.28
C VAL A 233 10.75 11.14 22.73
C VAL A 233 10.74 11.19 22.74
N ALA A 234 9.47 11.18 23.12
CA ALA A 234 9.10 11.49 24.49
C ALA A 234 9.63 10.47 25.49
N LYS A 235 10.00 9.27 25.03
CA LYS A 235 10.53 8.25 25.92
C LYS A 235 12.05 8.27 26.03
N LEU A 236 12.71 9.12 25.25
CA LEU A 236 14.16 9.11 25.20
C LEU A 236 14.74 10.06 26.26
N SER A 237 16.05 9.90 26.50
CA SER A 237 16.73 10.70 27.50
C SER A 237 16.68 12.18 27.12
N PRO A 238 16.81 13.07 28.10
CA PRO A 238 16.85 14.51 27.76
C PRO A 238 17.90 14.85 26.72
N GLU A 239 19.09 14.25 26.83
N GLU A 239 19.08 14.22 26.83
CA GLU A 239 20.12 14.49 25.82
CA GLU A 239 20.15 14.42 25.85
C GLU A 239 19.64 14.07 24.44
C GLU A 239 19.70 14.02 24.45
N LYS A 240 19.06 12.87 24.33
N LYS A 240 19.05 12.86 24.33
CA LYS A 240 18.63 12.39 23.03
CA LYS A 240 18.63 12.39 23.01
C LYS A 240 17.49 13.25 22.47
C LYS A 240 17.47 13.22 22.47
N GLN A 241 16.57 13.68 23.34
CA GLN A 241 15.50 14.56 22.88
C GLN A 241 16.06 15.87 22.34
N ALA A 242 17.03 16.46 23.03
CA ALA A 242 17.62 17.70 22.56
C ALA A 242 18.41 17.49 21.26
N GLU A 243 19.10 16.36 21.16
N GLU A 243 19.10 16.35 21.14
CA GLU A 243 19.79 16.02 19.91
CA GLU A 243 19.80 16.03 19.90
C GLU A 243 18.82 15.95 18.75
C GLU A 243 18.82 15.94 18.74
N MET A 244 17.66 15.33 18.96
CA MET A 244 16.69 15.20 17.88
C MET A 244 16.09 16.55 17.51
N LYS A 245 15.81 17.40 18.49
N LYS A 245 15.84 17.41 18.49
CA LYS A 245 15.34 18.74 18.16
CA LYS A 245 15.34 18.74 18.18
C LYS A 245 16.36 19.47 17.28
C LYS A 245 16.35 19.53 17.34
N GLU A 246 17.63 19.43 17.68
CA GLU A 246 18.67 20.07 16.88
C GLU A 246 18.70 19.50 15.47
N PHE A 247 18.56 18.18 15.32
CA PHE A 247 18.54 17.57 14.00
C PHE A 247 17.37 18.08 13.18
N VAL A 248 16.18 18.14 13.78
CA VAL A 248 15.00 18.62 13.05
C VAL A 248 15.24 20.03 12.53
N PHE A 249 15.73 20.93 13.38
CA PHE A 249 15.95 22.30 12.91
C PHE A 249 17.07 22.36 11.88
N LYS A 250 18.14 21.59 12.06
CA LYS A 250 19.23 21.59 11.10
C LYS A 250 18.75 21.13 9.73
N LEU A 251 18.02 20.02 9.70
CA LEU A 251 17.56 19.49 8.41
C LEU A 251 16.54 20.44 7.78
N LEU A 252 15.62 20.98 8.58
CA LEU A 252 14.65 21.93 8.04
C LEU A 252 15.35 23.12 7.42
N TYR A 253 16.30 23.72 8.13
N TYR A 253 16.35 23.67 8.09
CA TYR A 253 16.97 24.89 7.59
CA TYR A 253 17.01 24.85 7.56
C TYR A 253 17.72 24.54 6.32
C TYR A 253 17.87 24.52 6.33
N GLU A 254 18.34 23.36 6.27
N GLU A 254 18.37 23.28 6.22
CA GLU A 254 19.02 22.94 5.05
CA GLU A 254 19.03 22.87 4.99
C GLU A 254 18.02 22.79 3.90
C GLU A 254 18.03 22.87 3.84
N LEU A 255 16.84 22.24 4.18
N LEU A 255 16.85 22.27 4.07
CA LEU A 255 15.82 22.13 3.15
CA LEU A 255 15.86 22.18 3.00
C LEU A 255 15.31 23.50 2.72
C LEU A 255 15.20 23.50 2.70
N ILE A 256 15.13 24.42 3.67
CA ILE A 256 14.69 25.77 3.34
C ILE A 256 15.68 26.44 2.41
N ASP A 257 16.97 26.27 2.66
CA ASP A 257 17.97 26.87 1.77
C ASP A 257 17.89 26.27 0.37
N LEU A 258 17.72 24.94 0.27
CA LEU A 258 17.59 24.31 -1.04
C LEU A 258 16.31 24.75 -1.72
N GLU A 259 15.24 24.88 -0.95
CA GLU A 259 13.97 25.32 -1.53
C GLU A 259 14.07 26.74 -2.07
N LYS A 260 14.69 27.63 -1.31
CA LYS A 260 14.83 29.01 -1.77
C LYS A 260 15.60 29.07 -3.09
N ALA A 261 16.70 28.32 -3.20
CA ALA A 261 17.48 28.34 -4.44
C ALA A 261 16.66 27.79 -5.60
N TYR A 262 15.89 26.73 -5.36
CA TYR A 262 15.07 26.14 -6.43
C TYR A 262 13.96 27.09 -6.85
N LEU A 263 13.21 27.65 -5.90
CA LEU A 263 12.09 28.51 -6.26
C LEU A 263 12.57 29.77 -6.95
N LYS A 264 13.73 30.30 -6.56
N LYS A 264 13.71 30.33 -6.54
CA LYS A 264 14.29 31.46 -7.24
CA LYS A 264 14.24 31.48 -7.27
C LYS A 264 14.61 31.16 -8.69
C LYS A 264 14.49 31.13 -8.73
N GLU A 265 15.08 29.95 -8.98
CA GLU A 265 15.33 29.55 -10.36
C GLU A 265 14.04 29.25 -11.10
N LEU A 266 13.15 28.46 -10.47
CA LEU A 266 11.89 28.06 -11.11
C LEU A 266 11.06 29.27 -11.52
N TYR A 267 10.94 30.25 -10.63
CA TYR A 267 10.05 31.37 -10.85
C TYR A 267 10.76 32.62 -11.37
N GLU A 268 12.02 32.47 -11.82
N GLU A 268 12.05 32.49 -11.74
CA GLU A 268 12.88 33.64 -12.05
CA GLU A 268 12.88 33.65 -12.06
C GLU A 268 12.31 34.61 -13.08
C GLU A 268 12.18 34.63 -12.99
N ASP A 269 11.57 34.14 -14.07
CA ASP A 269 11.04 35.05 -15.09
C ASP A 269 9.70 35.66 -14.71
N PHE A 270 9.12 35.29 -13.57
CA PHE A 270 7.73 35.56 -13.27
C PHE A 270 7.51 36.39 -12.01
N GLY A 271 8.52 36.58 -11.19
CA GLY A 271 8.37 37.40 -10.00
C GLY A 271 7.72 36.71 -8.82
N LEU A 272 7.49 35.40 -8.90
CA LEU A 272 6.74 34.70 -7.86
C LEU A 272 7.60 34.19 -6.71
N ALA A 273 8.93 34.17 -6.85
CA ALA A 273 9.75 33.44 -5.90
C ALA A 273 9.66 34.02 -4.50
N ASP A 274 9.69 35.36 -4.37
CA ASP A 274 9.67 35.93 -3.03
C ASP A 274 8.38 35.56 -2.31
N ASP A 275 7.25 35.60 -3.02
CA ASP A 275 5.97 35.26 -2.41
C ASP A 275 5.88 33.77 -2.11
N ALA A 276 6.35 32.95 -3.04
CA ALA A 276 6.30 31.50 -2.84
C ALA A 276 7.20 31.07 -1.68
N ILE A 277 8.31 31.77 -1.47
CA ILE A 277 9.20 31.45 -0.36
C ILE A 277 8.53 31.74 0.97
N ARG A 278 7.83 32.88 1.08
N ARG A 278 7.81 32.86 1.09
CA ARG A 278 7.08 33.15 2.30
CA ARG A 278 7.09 33.12 2.33
C ARG A 278 6.01 32.09 2.54
C ARG A 278 5.98 32.10 2.56
N PHE A 279 5.32 31.67 1.48
CA PHE A 279 4.31 30.62 1.60
C PHE A 279 4.93 29.31 2.06
N SER A 280 6.12 28.99 1.53
N SER A 280 6.09 28.96 1.50
CA SER A 280 6.87 27.81 1.94
CA SER A 280 6.83 27.80 1.97
C SER A 280 7.27 27.88 3.41
C SER A 280 7.16 27.91 3.45
N VAL A 281 7.80 29.02 3.84
CA VAL A 281 8.26 29.14 5.23
C VAL A 281 7.11 29.15 6.21
N TYR A 282 5.95 29.70 5.84
CA TYR A 282 4.76 29.55 6.67
C TYR A 282 4.51 28.07 6.97
N ASN A 283 4.63 27.22 5.96
CA ASN A 283 4.43 25.79 6.14
C ASN A 283 5.58 25.13 6.89
N ALA A 284 6.80 25.64 6.76
CA ALA A 284 7.88 25.18 7.63
C ALA A 284 7.51 25.34 9.10
N GLY A 285 6.86 26.44 9.45
CA GLY A 285 6.43 26.64 10.83
C GLY A 285 5.40 25.62 11.28
N LYS A 286 4.43 25.33 10.40
N LYS A 286 4.44 25.30 10.40
CA LYS A 286 3.43 24.32 10.74
CA LYS A 286 3.43 24.32 10.74
C LYS A 286 4.07 22.95 10.91
C LYS A 286 4.04 22.93 10.88
N PHE A 287 5.05 22.63 10.06
CA PHE A 287 5.77 21.38 10.20
C PHE A 287 6.41 21.26 11.58
N LEU A 288 7.08 22.32 12.03
CA LEU A 288 7.69 22.27 13.35
C LEU A 288 6.64 22.03 14.43
N GLN A 289 5.49 22.68 14.31
CA GLN A 289 4.44 22.51 15.32
C GLN A 289 3.92 21.08 15.37
N ASN A 290 3.82 20.42 14.21
N ASN A 290 3.81 20.43 14.20
CA ASN A 290 3.37 19.04 14.17
CA ASN A 290 3.37 19.03 14.18
C ASN A 290 4.39 18.07 14.75
C ASN A 290 4.36 18.10 14.87
N LEU A 291 5.62 18.48 14.97
CA LEU A 291 6.60 17.67 15.68
C LEU A 291 6.78 18.12 17.12
N GLY A 292 5.99 19.09 17.57
CA GLY A 292 6.01 19.54 18.96
C GLY A 292 6.93 20.70 19.25
N TYR A 293 7.41 21.41 18.24
CA TYR A 293 8.33 22.52 18.43
C TYR A 293 7.67 23.85 18.08
N ASP A 294 8.26 24.92 18.58
CA ASP A 294 7.79 26.27 18.30
C ASP A 294 8.40 26.78 17.01
N SER A 295 7.60 27.49 16.23
CA SER A 295 8.12 28.09 15.01
C SER A 295 8.93 29.33 15.34
N PRO A 296 10.15 29.46 14.81
CA PRO A 296 10.95 30.68 14.99
C PRO A 296 10.69 31.75 13.94
N PHE A 297 9.80 31.51 12.99
CA PHE A 297 9.69 32.41 11.85
C PHE A 297 8.81 33.62 12.17
N THR A 298 9.17 34.77 11.60
CA THR A 298 8.43 35.98 11.86
C THR A 298 7.18 36.06 10.98
N GLU A 299 6.29 36.98 11.34
CA GLU A 299 5.12 37.27 10.51
C GLU A 299 5.53 37.67 9.10
N GLU A 300 6.57 38.50 8.97
CA GLU A 300 6.99 38.96 7.65
C GLU A 300 7.54 37.82 6.81
N GLU A 301 8.29 36.90 7.43
CA GLU A 301 8.85 35.76 6.72
C GLU A 301 7.79 34.78 6.25
N THR A 302 6.58 34.85 6.80
CA THR A 302 5.55 33.85 6.54
C THR A 302 4.28 34.47 5.97
N ARG A 303 4.33 35.72 5.52
CA ARG A 303 3.13 36.43 5.10
C ARG A 303 2.55 35.83 3.81
N ILE A 304 1.26 35.55 3.84
CA ILE A 304 0.52 35.05 2.69
C ILE A 304 -0.62 36.01 2.40
N GLU A 305 -0.73 36.44 1.15
CA GLU A 305 -1.79 37.37 0.78
C GLU A 305 -3.16 36.72 0.93
N PRO A 306 -4.19 37.50 1.26
CA PRO A 306 -5.51 36.91 1.55
C PRO A 306 -6.05 36.04 0.44
N GLU A 307 -5.88 36.43 -0.81
CA GLU A 307 -6.47 35.65 -1.88
C GLU A 307 -5.79 34.30 -2.03
N ILE A 308 -4.50 34.22 -1.70
CA ILE A 308 -3.77 32.95 -1.72
C ILE A 308 -4.19 32.11 -0.52
N PHE A 309 -4.27 32.74 0.65
CA PHE A 309 -4.64 32.01 1.86
C PHE A 309 -6.03 31.40 1.72
N THR A 310 -6.94 32.11 1.04
CA THR A 310 -8.27 31.56 0.77
C THR A 310 -8.17 30.27 -0.04
N GLN A 311 -7.34 30.26 -1.08
CA GLN A 311 -7.20 29.04 -1.88
C GLN A 311 -6.60 27.91 -1.06
N LEU A 312 -5.59 28.21 -0.25
N LEU A 312 -5.64 28.23 -0.19
CA LEU A 312 -4.93 27.20 0.57
CA LEU A 312 -4.95 27.23 0.61
C LEU A 312 -5.90 26.58 1.58
C LEU A 312 -5.85 26.62 1.67
N SER A 313 -6.79 27.40 2.14
N SER A 313 -6.80 27.40 2.21
CA SER A 313 -7.56 27.04 3.31
CA SER A 313 -7.59 27.00 3.36
C SER A 313 -8.94 26.49 3.00
C SER A 313 -8.99 26.51 3.01
N ALA A 314 -9.41 26.60 1.75
CA ALA A 314 -10.76 26.20 1.40
C ALA A 314 -10.93 24.68 1.54
N ARG A 315 -12.11 24.26 1.97
CA ARG A 315 -12.35 22.84 2.19
C ARG A 315 -12.33 22.06 0.87
N ALA A 316 -11.78 20.85 0.92
CA ALA A 316 -11.58 20.05 -0.28
C ALA A 316 -12.84 19.36 -0.76
N ASP A 317 -13.89 19.32 0.05
CA ASP A 317 -15.11 18.60 -0.29
C ASP A 317 -15.82 19.17 -1.52
N ASP A 342 -22.22 13.94 -7.06
CA ASP A 342 -22.79 12.64 -6.72
C ASP A 342 -21.80 11.50 -7.03
N TRP A 343 -20.60 11.84 -7.45
CA TRP A 343 -19.59 10.83 -7.73
C TRP A 343 -18.97 10.37 -6.42
N GLU A 344 -19.01 9.07 -6.15
CA GLU A 344 -18.47 8.55 -4.90
C GLU A 344 -17.55 7.37 -5.16
N PHE A 345 -16.75 7.03 -4.15
CA PHE A 345 -15.80 5.95 -4.26
C PHE A 345 -16.14 4.82 -3.29
N SER B 5 18.71 12.27 -32.27
CA SER B 5 18.73 10.86 -32.65
C SER B 5 18.36 10.70 -34.13
N MET B 6 19.06 9.76 -34.81
CA MET B 6 18.79 9.49 -36.21
C MET B 6 17.31 9.23 -36.45
N ALA B 7 16.69 8.42 -35.60
CA ALA B 7 15.32 7.99 -35.75
C ALA B 7 14.32 8.88 -35.02
N LYS B 8 14.78 9.98 -34.42
CA LYS B 8 13.92 10.89 -33.65
C LYS B 8 13.20 10.16 -32.52
N ILE B 9 14.00 9.51 -31.67
CA ILE B 9 13.47 8.72 -30.55
C ILE B 9 12.85 9.66 -29.53
N LYS B 10 11.66 9.31 -29.07
CA LYS B 10 10.98 10.14 -28.10
C LYS B 10 11.41 9.74 -26.69
N ASN B 11 11.35 10.71 -25.78
CA ASN B 11 11.54 10.43 -24.36
C ASN B 11 12.93 9.88 -24.04
N GLN B 12 13.95 10.44 -24.72
CA GLN B 12 15.33 10.06 -24.44
C GLN B 12 15.74 10.38 -23.00
N TYR B 13 15.09 11.35 -22.34
CA TYR B 13 15.43 11.64 -20.94
C TYR B 13 15.32 10.39 -20.08
N TYR B 14 14.42 9.45 -20.45
CA TYR B 14 14.18 8.26 -19.64
C TYR B 14 15.45 7.42 -19.55
N ASN B 15 16.17 7.28 -20.66
CA ASN B 15 17.40 6.50 -20.67
C ASN B 15 18.55 7.22 -19.97
N GLU B 16 18.42 8.51 -19.73
CA GLU B 16 19.46 9.30 -19.10
C GLU B 16 19.25 9.45 -17.61
N SER B 17 18.25 8.79 -17.05
CA SER B 17 17.83 9.03 -15.67
C SER B 17 17.52 7.70 -15.01
N VAL B 18 17.20 7.76 -13.72
CA VAL B 18 16.87 6.60 -12.91
C VAL B 18 15.64 6.92 -12.07
N SER B 19 14.88 5.88 -11.70
CA SER B 19 13.82 6.08 -10.72
C SER B 19 14.44 6.32 -9.35
N PRO B 20 13.69 6.93 -8.43
CA PRO B 20 14.22 7.13 -7.07
C PRO B 20 14.72 5.85 -6.40
N ILE B 21 14.00 4.73 -6.55
N ILE B 21 14.03 4.73 -6.62
CA ILE B 21 14.46 3.52 -5.89
CA ILE B 21 14.52 3.45 -6.08
C ILE B 21 15.77 3.03 -6.50
C ILE B 21 15.89 3.12 -6.67
N GLU B 22 15.96 3.24 -7.80
N GLU B 22 16.01 3.16 -7.99
CA GLU B 22 17.22 2.86 -8.44
CA GLU B 22 17.29 2.90 -8.64
C GLU B 22 18.35 3.78 -8.00
C GLU B 22 18.38 3.80 -8.07
N TYR B 23 18.08 5.09 -7.86
CA TYR B 23 19.05 6.02 -7.29
C TYR B 23 19.52 5.52 -5.93
N ALA B 24 18.61 5.07 -5.08
N ALA B 24 18.55 5.09 -5.10
CA ALA B 24 19.05 4.51 -3.80
CA ALA B 24 18.77 4.78 -3.69
C ALA B 24 19.89 3.24 -4.01
C ALA B 24 19.49 3.45 -3.50
N GLN B 25 19.44 2.34 -4.89
N GLN B 25 19.19 2.46 -4.34
CA GLN B 25 20.11 1.05 -5.05
CA GLN B 25 19.91 1.19 -4.21
C GLN B 25 21.53 1.19 -5.62
C GLN B 25 21.25 1.17 -4.93
N GLN B 26 21.77 2.19 -6.45
N GLN B 26 21.45 2.05 -5.91
CA GLN B 26 23.06 2.40 -7.09
CA GLN B 26 22.65 2.04 -6.73
C GLN B 26 24.02 3.22 -6.24
C GLN B 26 23.75 2.95 -6.20
N GLY B 27 23.77 3.34 -4.94
N GLY B 27 23.69 3.33 -4.94
CA GLY B 27 24.67 4.10 -4.10
CA GLY B 27 24.74 4.12 -4.35
C GLY B 27 24.51 5.60 -4.21
C GLY B 27 24.54 5.61 -4.55
N PHE B 28 23.28 6.06 -4.53
CA PHE B 28 22.96 7.50 -4.66
C PHE B 28 23.59 8.10 -5.91
N LYS B 29 23.43 7.40 -7.04
N LYS B 29 23.36 7.44 -7.05
CA LYS B 29 23.99 7.83 -8.31
CA LYS B 29 23.99 7.79 -8.31
C LYS B 29 22.85 8.02 -9.31
C LYS B 29 22.94 7.93 -9.39
N GLY B 30 23.00 9.02 -10.15
CA GLY B 30 22.08 9.24 -11.25
C GLY B 30 21.17 10.43 -11.08
N LYS B 31 20.63 10.90 -12.19
CA LYS B 31 19.61 11.94 -12.18
C LYS B 31 18.26 11.26 -12.05
N MET B 32 17.46 11.71 -11.10
CA MET B 32 16.18 11.07 -10.84
C MET B 32 15.09 11.65 -11.72
N ARG B 33 14.27 10.77 -12.30
CA ARG B 33 13.11 11.18 -13.07
C ARG B 33 11.83 10.95 -12.29
N SER B 34 10.87 11.84 -12.52
N SER B 34 10.86 11.83 -12.54
CA SER B 34 9.49 11.62 -12.08
CA SER B 34 9.51 11.59 -12.05
C SER B 34 8.87 10.47 -12.86
C SER B 34 8.91 10.42 -12.83
N VAL B 35 7.90 9.79 -12.23
CA VAL B 35 7.04 8.90 -13.00
C VAL B 35 6.40 9.72 -14.12
N ASN B 36 6.22 9.10 -15.28
CA ASN B 36 5.55 9.72 -16.41
C ASN B 36 4.28 8.94 -16.69
N TRP B 37 3.14 9.43 -16.21
CA TRP B 37 1.87 8.76 -16.46
C TRP B 37 1.30 9.10 -17.83
N ASN B 38 1.99 9.92 -18.60
CA ASN B 38 1.61 10.20 -19.96
C ASN B 38 2.32 9.32 -20.99
N VAL B 39 3.37 8.63 -20.58
CA VAL B 39 4.13 7.71 -21.43
C VAL B 39 4.30 6.44 -20.61
N VAL B 40 3.43 5.48 -20.82
CA VAL B 40 3.42 4.27 -20.01
C VAL B 40 4.20 3.20 -20.77
N ASN B 41 5.36 2.82 -20.21
CA ASN B 41 6.27 1.91 -20.91
C ASN B 41 5.62 0.60 -21.29
N ASP B 42 4.81 0.04 -20.39
CA ASP B 42 4.06 -1.19 -20.65
C ASP B 42 2.59 -0.87 -20.41
N GLU B 43 1.79 -0.88 -21.49
CA GLU B 43 0.39 -0.50 -21.38
C GLU B 43 -0.38 -1.37 -20.40
N LYS B 44 0.07 -2.60 -20.17
CA LYS B 44 -0.56 -3.45 -19.16
C LYS B 44 -0.57 -2.78 -17.79
N ASP B 45 0.48 -2.02 -17.46
CA ASP B 45 0.52 -1.34 -16.18
C ASP B 45 -0.61 -0.33 -16.06
N LEU B 46 -0.91 0.41 -17.14
CA LEU B 46 -2.02 1.35 -17.05
C LEU B 46 -3.35 0.62 -16.91
N GLU B 47 -3.52 -0.48 -17.64
N GLU B 47 -3.53 -0.47 -17.66
CA GLU B 47 -4.75 -1.27 -17.52
CA GLU B 47 -4.75 -1.27 -17.51
C GLU B 47 -4.94 -1.77 -16.10
C GLU B 47 -4.93 -1.72 -16.07
N VAL B 48 -3.86 -2.22 -15.46
CA VAL B 48 -3.96 -2.77 -14.12
C VAL B 48 -4.19 -1.67 -13.09
N TRP B 49 -3.45 -0.55 -13.21
CA TRP B 49 -3.68 0.60 -12.33
C TRP B 49 -5.14 1.02 -12.38
N ASN B 50 -5.70 1.14 -13.59
CA ASN B 50 -7.08 1.56 -13.72
C ASN B 50 -8.05 0.57 -13.07
N ARG B 51 -7.84 -0.72 -13.28
N ARG B 51 -7.84 -0.73 -13.31
CA ARG B 51 -8.78 -1.69 -12.73
CA ARG B 51 -8.72 -1.74 -12.75
C ARG B 51 -8.71 -1.72 -11.20
C ARG B 51 -8.69 -1.71 -11.23
N ILE B 52 -7.50 -1.72 -10.64
CA ILE B 52 -7.40 -1.89 -9.19
C ILE B 52 -7.93 -0.66 -8.46
N THR B 53 -7.74 0.53 -9.02
CA THR B 53 -8.24 1.74 -8.38
C THR B 53 -9.74 1.88 -8.56
N GLN B 54 -10.28 1.48 -9.72
CA GLN B 54 -11.74 1.43 -9.86
C GLN B 54 -12.39 0.43 -8.93
N ASN B 55 -11.65 -0.59 -8.51
CA ASN B 55 -12.17 -1.65 -7.65
C ASN B 55 -12.02 -1.32 -6.17
N PHE B 56 -11.60 -0.11 -5.81
CA PHE B 56 -11.50 0.25 -4.40
C PHE B 56 -12.82 -0.01 -3.67
N TRP B 57 -12.71 -0.51 -2.45
CA TRP B 57 -13.87 -0.76 -1.59
C TRP B 57 -13.36 -0.77 -0.16
N LEU B 58 -14.30 -0.66 0.79
CA LEU B 58 -14.03 -0.79 2.21
C LEU B 58 -15.12 -1.67 2.83
N PRO B 59 -14.79 -2.41 3.90
CA PRO B 59 -15.76 -3.39 4.42
C PRO B 59 -17.00 -2.76 5.01
N GLU B 60 -16.93 -1.53 5.50
CA GLU B 60 -18.09 -0.89 6.11
C GLU B 60 -19.21 -0.66 5.12
N LYS B 61 -18.93 -0.73 3.82
CA LYS B 61 -19.98 -0.59 2.81
C LYS B 61 -20.95 -1.77 2.82
N ILE B 62 -20.54 -2.90 3.37
CA ILE B 62 -21.35 -4.12 3.38
C ILE B 62 -22.01 -4.22 4.75
N PRO B 63 -23.34 -4.34 4.83
CA PRO B 63 -24.02 -4.41 6.13
C PRO B 63 -23.97 -5.82 6.73
N VAL B 64 -22.81 -6.16 7.29
CA VAL B 64 -22.62 -7.46 7.93
C VAL B 64 -23.59 -7.70 9.07
N SER B 65 -24.12 -6.63 9.68
CA SER B 65 -25.13 -6.83 10.73
C SER B 65 -26.33 -7.61 10.23
N ASN B 66 -26.60 -7.57 8.92
CA ASN B 66 -27.68 -8.38 8.36
C ASN B 66 -27.36 -9.88 8.33
N ASP B 67 -26.11 -10.27 8.62
CA ASP B 67 -25.76 -11.68 8.78
C ASP B 67 -26.04 -12.20 10.18
N LEU B 68 -26.47 -11.36 11.12
CA LEU B 68 -26.62 -11.82 12.50
C LEU B 68 -27.62 -12.97 12.61
N THR B 69 -28.74 -12.88 11.91
N THR B 69 -28.75 -12.90 11.92
CA THR B 69 -29.76 -13.93 12.00
CA THR B 69 -29.72 -13.99 12.02
C THR B 69 -29.16 -15.29 11.64
C THR B 69 -29.13 -15.31 11.51
N SER B 70 -28.44 -15.37 10.52
N SER B 70 -28.40 -15.26 10.40
CA SER B 70 -27.88 -16.64 10.09
CA SER B 70 -27.74 -16.45 9.88
C SER B 70 -26.65 -17.04 10.89
C SER B 70 -26.72 -16.97 10.87
N TRP B 71 -25.84 -16.07 11.34
CA TRP B 71 -24.76 -16.42 12.25
C TRP B 71 -25.30 -17.12 13.50
N ARG B 72 -26.45 -16.66 14.00
N ARG B 72 -26.44 -16.66 14.01
CA ARG B 72 -27.01 -17.25 15.22
CA ARG B 72 -27.00 -17.25 15.23
C ARG B 72 -27.49 -18.68 15.02
C ARG B 72 -27.53 -18.67 15.01
N THR B 73 -27.75 -19.09 13.78
CA THR B 73 -28.15 -20.47 13.53
C THR B 73 -26.96 -21.42 13.49
N LEU B 74 -25.74 -20.90 13.61
CA LEU B 74 -24.54 -21.72 13.61
C LEU B 74 -24.15 -22.06 15.04
N THR B 75 -23.72 -23.31 15.24
CA THR B 75 -23.30 -23.76 16.55
C THR B 75 -22.03 -23.03 16.98
N PRO B 76 -21.75 -23.00 18.29
CA PRO B 76 -20.46 -22.42 18.75
C PRO B 76 -19.25 -23.01 18.05
N GLU B 77 -19.29 -24.31 17.73
CA GLU B 77 -18.17 -24.94 17.05
C GLU B 77 -17.99 -24.38 15.63
N TRP B 78 -19.09 -24.18 14.90
CA TRP B 78 -18.98 -23.58 13.58
C TRP B 78 -18.51 -22.13 13.66
N GLN B 79 -19.01 -21.38 14.65
CA GLN B 79 -18.56 -19.99 14.81
C GLN B 79 -17.08 -19.93 15.11
N GLU B 80 -16.59 -20.83 15.96
CA GLU B 80 -15.16 -20.91 16.25
C GLU B 80 -14.37 -21.24 15.00
N LEU B 81 -14.84 -22.20 14.21
CA LEU B 81 -14.17 -22.54 12.95
C LEU B 81 -14.02 -21.31 12.06
N ILE B 82 -15.11 -20.55 11.89
CA ILE B 82 -15.09 -19.36 11.03
C ILE B 82 -14.10 -18.34 11.57
N THR B 83 -14.16 -18.08 12.88
CA THR B 83 -13.29 -17.05 13.45
C THR B 83 -11.83 -17.47 13.29
N ARG B 84 -11.53 -18.74 13.51
CA ARG B 84 -10.16 -19.22 13.35
C ARG B 84 -9.72 -19.13 11.90
N THR B 85 -10.53 -19.66 10.99
CA THR B 85 -10.18 -19.66 9.58
C THR B 85 -9.88 -18.24 9.12
N PHE B 86 -10.77 -17.30 9.46
CA PHE B 86 -10.62 -15.91 9.04
C PHE B 86 -9.43 -15.24 9.71
N THR B 87 -9.16 -15.54 10.99
CA THR B 87 -7.97 -14.95 11.62
C THR B 87 -6.69 -15.48 10.98
N GLY B 88 -6.71 -16.73 10.52
CA GLY B 88 -5.57 -17.27 9.78
C GLY B 88 -5.39 -16.59 8.44
N LEU B 89 -6.50 -16.28 7.76
CA LEU B 89 -6.39 -15.50 6.52
C LEU B 89 -5.88 -14.09 6.81
N THR B 90 -6.31 -13.51 7.93
CA THR B 90 -5.84 -12.17 8.30
C THR B 90 -4.33 -12.17 8.49
N LEU B 91 -3.77 -13.25 9.03
CA LEU B 91 -2.32 -13.34 9.18
C LEU B 91 -1.63 -13.32 7.82
N LEU B 92 -2.13 -14.11 6.88
CA LEU B 92 -1.49 -14.13 5.56
C LEU B 92 -1.59 -12.77 4.89
N ASP B 93 -2.75 -12.11 5.01
CA ASP B 93 -2.88 -10.76 4.46
C ASP B 93 -1.95 -9.77 5.17
N THR B 94 -1.78 -9.92 6.48
CA THR B 94 -0.85 -9.04 7.19
C THR B 94 0.56 -9.21 6.65
N ILE B 95 0.97 -10.46 6.39
CA ILE B 95 2.29 -10.71 5.80
C ILE B 95 2.40 -10.04 4.44
N GLN B 96 1.38 -10.21 3.59
CA GLN B 96 1.49 -9.69 2.23
C GLN B 96 1.45 -8.17 2.21
N ALA B 97 0.65 -7.55 3.09
CA ALA B 97 0.54 -6.10 3.12
C ALA B 97 1.81 -5.44 3.64
N THR B 98 2.45 -6.02 4.66
CA THR B 98 3.54 -5.34 5.34
C THR B 98 4.91 -5.84 4.91
N VAL B 99 4.98 -7.00 4.25
CA VAL B 99 6.27 -7.57 3.83
C VAL B 99 6.26 -7.86 2.33
N GLY B 100 5.29 -8.65 1.87
CA GLY B 100 5.41 -9.26 0.55
C GLY B 100 5.21 -8.31 -0.61
N ASP B 101 4.11 -7.55 -0.59
CA ASP B 101 3.84 -6.66 -1.72
C ASP B 101 4.80 -5.47 -1.71
N VAL B 102 5.12 -4.95 -0.53
N VAL B 102 5.15 -4.96 -0.53
CA VAL B 102 6.07 -3.85 -0.47
CA VAL B 102 6.08 -3.84 -0.49
C VAL B 102 7.45 -4.29 -0.95
C VAL B 102 7.48 -4.28 -0.90
N ALA B 103 7.80 -5.56 -0.73
CA ALA B 103 9.08 -6.08 -1.21
C ALA B 103 9.14 -6.13 -2.74
N GLN B 104 7.99 -6.08 -3.41
CA GLN B 104 8.01 -6.11 -4.87
C GLN B 104 8.33 -4.76 -5.47
N VAL B 105 8.08 -3.68 -4.72
CA VAL B 105 8.34 -2.34 -5.24
C VAL B 105 9.75 -2.20 -5.83
N PRO B 106 10.83 -2.55 -5.12
CA PRO B 106 12.17 -2.35 -5.69
C PRO B 106 12.57 -3.35 -6.76
N ASN B 107 11.76 -4.37 -7.04
CA ASN B 107 12.09 -5.34 -8.07
C ASN B 107 11.30 -5.11 -9.36
N SER B 108 10.71 -3.93 -9.52
CA SER B 108 9.83 -3.64 -10.63
C SER B 108 10.61 -3.40 -11.93
N LEU B 109 9.94 -3.70 -13.05
CA LEU B 109 10.50 -3.40 -14.36
C LEU B 109 10.19 -2.00 -14.84
N THR B 110 9.14 -1.38 -14.31
CA THR B 110 8.71 -0.05 -14.74
C THR B 110 8.39 0.81 -13.54
N ASP B 111 8.37 2.13 -13.76
CA ASP B 111 8.02 3.06 -12.70
C ASP B 111 6.58 2.87 -12.24
N HIS B 112 5.70 2.54 -13.20
CA HIS B 112 4.29 2.42 -12.90
C HIS B 112 4.03 1.19 -12.05
N GLU B 113 4.76 0.11 -12.34
CA GLU B 113 4.68 -1.11 -11.54
C GLU B 113 5.08 -0.85 -10.09
N GLN B 114 6.06 0.04 -9.86
CA GLN B 114 6.47 0.34 -8.50
C GLN B 114 5.29 0.81 -7.67
N VAL B 115 4.47 1.71 -8.22
CA VAL B 115 3.36 2.23 -7.44
C VAL B 115 2.15 1.30 -7.48
N ILE B 116 1.99 0.49 -8.53
CA ILE B 116 0.94 -0.53 -8.49
C ILE B 116 1.10 -1.44 -7.29
N TYR B 117 2.34 -1.82 -6.94
CA TYR B 117 2.53 -2.67 -5.77
C TYR B 117 2.22 -1.95 -4.47
N THR B 118 2.30 -0.62 -4.43
CA THR B 118 1.82 0.09 -3.23
C THR B 118 0.30 -0.01 -3.11
N ASN B 119 -0.42 0.06 -4.23
CA ASN B 119 -1.84 -0.22 -4.19
C ASN B 119 -2.12 -1.63 -3.71
N PHE B 120 -1.37 -2.61 -4.22
CA PHE B 120 -1.61 -4.00 -3.80
C PHE B 120 -1.45 -4.11 -2.30
N ALA B 121 -0.38 -3.54 -1.75
CA ALA B 121 -0.12 -3.66 -0.32
C ALA B 121 -1.26 -3.04 0.47
N PHE B 122 -1.69 -1.83 0.09
CA PHE B 122 -2.78 -1.18 0.78
C PHE B 122 -4.06 -1.99 0.67
N MET B 123 -4.38 -2.50 -0.51
CA MET B 123 -5.62 -3.23 -0.64
C MET B 123 -5.60 -4.53 0.14
N VAL B 124 -4.45 -5.21 0.22
N VAL B 124 -4.45 -5.21 0.25
CA VAL B 124 -4.35 -6.39 1.08
CA VAL B 124 -4.44 -6.41 1.09
C VAL B 124 -4.54 -6.00 2.54
C VAL B 124 -4.42 -6.05 2.57
N ALA B 125 -4.06 -4.82 2.94
CA ALA B 125 -4.34 -4.34 4.28
C ALA B 125 -5.85 -4.17 4.49
N VAL B 126 -6.55 -3.69 3.46
CA VAL B 126 -8.01 -3.61 3.54
C VAL B 126 -8.64 -5.00 3.67
N HIS B 127 -8.11 -6.00 2.95
CA HIS B 127 -8.59 -7.37 3.12
C HIS B 127 -8.45 -7.79 4.57
N ALA B 128 -7.26 -7.59 5.16
CA ALA B 128 -7.08 -7.98 6.56
C ALA B 128 -8.04 -7.23 7.47
N ARG B 129 -8.22 -5.93 7.20
N ARG B 129 -8.22 -5.93 7.22
CA ARG B 129 -9.14 -5.10 7.98
CA ARG B 129 -9.09 -5.14 8.07
C ARG B 129 -10.55 -5.66 7.94
C ARG B 129 -10.53 -5.60 7.96
N SER B 130 -10.95 -6.22 6.79
N SER B 130 -10.90 -6.19 6.81
CA SER B 130 -12.34 -6.63 6.61
CA SER B 130 -12.27 -6.63 6.60
C SER B 130 -12.71 -7.81 7.49
C SER B 130 -12.67 -7.76 7.53
N TYR B 131 -11.76 -8.70 7.79
CA TYR B 131 -12.07 -9.79 8.72
C TYR B 131 -12.37 -9.23 10.10
N GLY B 132 -11.58 -8.26 10.54
CA GLY B 132 -11.85 -7.61 11.82
C GLY B 132 -13.19 -6.91 11.82
N SER B 133 -13.56 -6.30 10.70
N SER B 133 -13.54 -6.26 10.71
CA SER B 133 -14.87 -5.65 10.60
CA SER B 133 -14.87 -5.66 10.59
C SER B 133 -15.99 -6.69 10.75
C SER B 133 -15.95 -6.71 10.81
N ILE B 134 -15.85 -7.84 10.10
CA ILE B 134 -16.81 -8.93 10.28
C ILE B 134 -16.88 -9.36 11.74
N PHE B 135 -15.71 -9.53 12.37
CA PHE B 135 -15.69 -9.98 13.77
C PHE B 135 -16.34 -8.96 14.69
N SER B 136 -16.15 -7.66 14.40
N SER B 136 -16.17 -7.66 14.40
N SER B 136 -16.17 -7.67 14.39
CA SER B 136 -16.75 -6.62 15.23
CA SER B 136 -16.76 -6.67 15.29
CA SER B 136 -16.74 -6.64 15.25
C SER B 136 -18.26 -6.78 15.29
C SER B 136 -18.27 -6.74 15.29
C SER B 136 -18.26 -6.69 15.27
N THR B 137 -18.86 -7.20 14.19
CA THR B 137 -20.31 -7.36 14.13
C THR B 137 -20.76 -8.69 14.69
N LEU B 138 -20.08 -9.78 14.33
CA LEU B 138 -20.61 -11.12 14.60
C LEU B 138 -20.05 -11.76 15.87
N CYS B 139 -18.80 -11.51 16.22
CA CYS B 139 -18.09 -12.33 17.20
C CYS B 139 -18.04 -11.68 18.58
N SER B 140 -17.97 -12.51 19.60
CA SER B 140 -17.71 -12.00 20.94
C SER B 140 -16.23 -11.71 21.11
N SER B 141 -15.91 -10.90 22.12
N SER B 141 -15.91 -10.88 22.11
CA SER B 141 -14.50 -10.61 22.41
CA SER B 141 -14.51 -10.62 22.41
C SER B 141 -13.72 -11.88 22.73
C SER B 141 -13.74 -11.90 22.68
N GLU B 142 -14.36 -12.85 23.38
CA GLU B 142 -13.68 -14.11 23.68
C GLU B 142 -13.40 -14.91 22.41
N GLN B 143 -14.36 -14.96 21.48
CA GLN B 143 -14.12 -15.67 20.23
C GLN B 143 -12.95 -15.07 19.48
N ILE B 144 -12.86 -13.73 19.45
CA ILE B 144 -11.80 -13.04 18.75
C ILE B 144 -10.45 -13.35 19.38
N GLU B 145 -10.37 -13.22 20.70
CA GLU B 145 -9.09 -13.44 21.38
C GLU B 145 -8.65 -14.89 21.26
N GLU B 146 -9.57 -15.84 21.43
CA GLU B 146 -9.20 -17.24 21.33
C GLU B 146 -8.68 -17.58 19.94
N ALA B 147 -9.23 -16.95 18.90
CA ALA B 147 -8.74 -17.21 17.55
C ALA B 147 -7.33 -16.68 17.36
N HIS B 148 -7.02 -15.52 17.95
CA HIS B 148 -5.65 -15.00 17.88
C HIS B 148 -4.68 -15.91 18.59
N GLU B 149 -5.05 -16.40 19.79
N GLU B 149 -5.04 -16.41 19.78
CA GLU B 149 -4.21 -17.35 20.51
CA GLU B 149 -4.15 -17.32 20.48
C GLU B 149 -4.00 -18.61 19.69
C GLU B 149 -3.99 -18.64 19.71
N TRP B 150 -5.07 -19.11 19.07
CA TRP B 150 -4.96 -20.31 18.25
C TRP B 150 -4.04 -20.06 17.05
N VAL B 151 -4.09 -18.88 16.45
CA VAL B 151 -3.22 -18.58 15.31
C VAL B 151 -1.76 -18.67 15.70
N ILE B 152 -1.38 -18.06 16.82
CA ILE B 152 0.05 -18.02 17.15
C ILE B 152 0.56 -19.39 17.57
N ASN B 153 -0.33 -20.28 18.02
CA ASN B 153 0.05 -21.55 18.62
C ASN B 153 -0.16 -22.75 17.69
N THR B 154 -0.70 -22.55 16.49
CA THR B 154 -0.99 -23.66 15.58
C THR B 154 0.16 -23.78 14.60
N GLU B 155 0.97 -24.82 14.76
CA GLU B 155 2.21 -24.92 14.00
C GLU B 155 1.95 -25.10 12.50
N THR B 156 0.92 -25.86 12.13
CA THR B 156 0.64 -26.06 10.71
C THR B 156 0.29 -24.74 10.03
N LEU B 157 -0.37 -23.83 10.75
CA LEU B 157 -0.62 -22.48 10.24
C LEU B 157 0.69 -21.69 10.15
N GLN B 158 1.47 -21.70 11.23
CA GLN B 158 2.70 -20.92 11.26
C GLN B 158 3.66 -21.35 10.16
N GLU B 159 3.73 -22.64 9.86
CA GLU B 159 4.66 -23.12 8.85
C GLU B 159 4.35 -22.54 7.47
N ARG B 160 3.06 -22.35 7.17
CA ARG B 160 2.69 -21.67 5.93
C ARG B 160 3.05 -20.19 5.98
N ALA B 161 2.80 -19.54 7.12
CA ALA B 161 3.15 -18.14 7.28
C ALA B 161 4.65 -17.91 7.17
N LYS B 162 5.46 -18.90 7.60
CA LYS B 162 6.91 -18.80 7.57
C LYS B 162 7.50 -19.18 6.23
N ALA B 163 6.71 -19.78 5.34
CA ALA B 163 7.28 -20.40 4.16
C ALA B 163 7.79 -19.37 3.16
N LEU B 164 7.02 -18.31 2.93
CA LEU B 164 7.35 -17.38 1.88
C LEU B 164 8.19 -16.20 2.34
N ILE B 165 8.23 -15.92 3.65
CA ILE B 165 8.89 -14.70 4.12
C ILE B 165 10.36 -14.61 3.72
N PRO B 166 11.17 -15.68 3.82
CA PRO B 166 12.58 -15.55 3.39
C PRO B 166 12.75 -15.10 1.96
N TYR B 167 11.84 -15.45 1.05
CA TYR B 167 12.00 -15.02 -0.33
C TYR B 167 11.78 -13.51 -0.48
N TYR B 168 10.90 -12.94 0.33
N TYR B 168 10.89 -12.92 0.30
CA TYR B 168 10.67 -11.50 0.31
CA TYR B 168 10.74 -11.47 0.26
C TYR B 168 11.86 -10.74 0.89
C TYR B 168 11.99 -10.79 0.78
N VAL B 169 12.55 -11.33 1.87
CA VAL B 169 13.65 -10.65 2.54
C VAL B 169 14.99 -10.88 1.84
N ASN B 170 15.20 -12.07 1.26
CA ASN B 170 16.46 -12.36 0.60
C ASN B 170 16.52 -11.67 -0.76
N ASP B 171 17.64 -11.85 -1.47
CA ASP B 171 18.01 -11.00 -2.58
C ASP B 171 17.85 -11.65 -3.96
N ASP B 172 16.89 -12.56 -4.11
CA ASP B 172 16.60 -13.10 -5.43
C ASP B 172 15.25 -12.56 -5.88
N PRO B 173 15.20 -11.59 -6.79
CA PRO B 173 13.92 -10.95 -7.12
C PRO B 173 12.92 -11.87 -7.79
N LEU B 174 13.38 -12.84 -8.59
CA LEU B 174 12.43 -13.72 -9.25
C LEU B 174 11.77 -14.67 -8.27
N LYS B 175 12.55 -15.21 -7.33
CA LYS B 175 11.94 -16.05 -6.30
C LYS B 175 10.98 -15.25 -5.43
N SER B 176 11.31 -13.99 -5.15
CA SER B 176 10.40 -13.12 -4.42
C SER B 176 9.10 -12.92 -5.18
N LYS B 177 9.20 -12.79 -6.52
N LYS B 177 9.17 -12.71 -6.50
CA LYS B 177 8.06 -12.56 -7.39
CA LYS B 177 7.93 -12.57 -7.25
C LYS B 177 7.16 -13.80 -7.47
C LYS B 177 7.07 -13.84 -7.13
N VAL B 178 7.77 -14.99 -7.51
N VAL B 178 7.71 -15.01 -7.18
CA VAL B 178 6.98 -16.22 -7.45
CA VAL B 178 6.98 -16.27 -7.07
C VAL B 178 6.14 -16.25 -6.19
C VAL B 178 6.40 -16.43 -5.68
N ALA B 179 6.76 -15.96 -5.05
N ALA B 179 7.22 -16.22 -4.64
CA ALA B 179 6.02 -15.91 -3.79
CA ALA B 179 6.71 -16.36 -3.28
C ALA B 179 4.89 -14.90 -3.84
C ALA B 179 5.65 -15.32 -2.96
N ALA B 180 5.14 -13.74 -4.45
N ALA B 180 5.73 -14.14 -3.60
CA ALA B 180 4.12 -12.70 -4.54
CA ALA B 180 4.67 -13.16 -3.41
C ALA B 180 2.93 -13.15 -5.36
C ALA B 180 3.34 -13.68 -3.94
N ALA B 181 3.13 -14.06 -6.31
N ALA B 181 3.33 -14.12 -5.20
CA ALA B 181 1.99 -14.61 -7.03
CA ALA B 181 2.09 -14.58 -5.83
C ALA B 181 1.34 -15.75 -6.27
C ALA B 181 1.48 -15.79 -5.14
N LEU B 182 2.14 -16.53 -5.53
N LEU B 182 2.28 -16.59 -4.43
CA LEU B 182 1.63 -17.71 -4.83
CA LEU B 182 1.75 -17.80 -3.82
C LEU B 182 0.70 -17.32 -3.69
C LEU B 182 0.76 -17.52 -2.69
N MET B 183 1.00 -16.22 -2.99
N MET B 183 0.71 -16.29 -2.18
CA MET B 183 0.17 -15.80 -1.87
CA MET B 183 -0.31 -15.98 -1.18
C MET B 183 -1.27 -15.52 -2.30
C MET B 183 -1.66 -15.62 -1.82
N PRO B 184 -1.53 -14.57 -3.20
N PRO B 184 -1.71 -14.74 -2.82
CA PRO B 184 -2.93 -14.36 -3.64
CA PRO B 184 -3.01 -14.46 -3.47
C PRO B 184 -3.42 -15.47 -4.53
C PRO B 184 -3.43 -15.45 -4.55
N GLY B 185 -2.53 -16.20 -5.17
CA GLY B 185 -2.91 -17.18 -6.17
C GLY B 185 -3.24 -18.55 -5.62
N PHE B 186 -2.80 -18.84 -4.38
CA PHE B 186 -2.96 -20.21 -3.87
C PHE B 186 -3.32 -20.32 -2.39
N LEU B 187 -2.55 -19.64 -1.54
N LEU B 187 -2.53 -19.69 -1.52
CA LEU B 187 -2.52 -20.00 -0.12
CA LEU B 187 -2.69 -19.89 -0.08
C LEU B 187 -3.82 -19.73 0.62
C LEU B 187 -4.02 -19.36 0.43
N LEU B 188 -4.65 -18.79 0.16
N LEU B 188 -4.67 -18.49 -0.35
CA LEU B 188 -5.86 -18.47 0.89
CA LEU B 188 -5.94 -17.88 0.04
C LEU B 188 -7.10 -19.22 0.40
C LEU B 188 -7.07 -18.90 0.11
N TYR B 189 -7.03 -19.93 -0.74
CA TYR B 189 -8.24 -20.58 -1.23
C TYR B 189 -8.77 -21.67 -0.30
N GLY B 190 -7.89 -22.40 0.38
CA GLY B 190 -8.37 -23.41 1.31
C GLY B 190 -9.26 -22.81 2.38
N GLY B 191 -8.98 -21.57 2.77
CA GLY B 191 -9.81 -20.83 3.69
C GLY B 191 -11.04 -20.26 3.04
N PHE B 192 -10.93 -19.70 1.83
N PHE B 192 -10.89 -19.77 1.80
CA PHE B 192 -12.10 -19.09 1.19
CA PHE B 192 -12.03 -19.33 1.02
C PHE B 192 -13.22 -20.09 0.95
C PHE B 192 -12.98 -20.49 0.69
N TYR B 193 -12.89 -21.39 0.85
N TYR B 193 -12.50 -21.73 0.76
CA TYR B 193 -13.92 -22.40 0.63
CA TYR B 193 -13.42 -22.86 0.66
C TYR B 193 -15.02 -22.34 1.69
C TYR B 193 -14.54 -22.76 1.69
N LEU B 194 -14.65 -22.04 2.94
N LEU B 194 -14.23 -22.23 2.88
CA LEU B 194 -15.61 -22.11 4.05
CA LEU B 194 -15.24 -22.13 3.93
C LEU B 194 -16.77 -21.13 3.93
C LEU B 194 -16.36 -21.15 3.58
N PRO B 195 -16.57 -19.82 3.73
N PRO B 195 -16.10 -19.88 3.27
CA PRO B 195 -17.73 -18.92 3.55
CA PRO B 195 -17.21 -19.01 2.84
C PRO B 195 -18.59 -19.29 2.36
C PRO B 195 -17.90 -19.52 1.59
N PHE B 196 -18.01 -19.81 1.28
N PHE B 196 -17.17 -20.15 0.68
CA PHE B 196 -18.80 -20.20 0.12
CA PHE B 196 -17.81 -20.74 -0.49
C PHE B 196 -19.61 -21.46 0.40
C PHE B 196 -18.79 -21.83 -0.07
N TYR B 197 -19.02 -22.42 1.13
N TYR B 197 -18.40 -22.67 0.89
CA TYR B 197 -19.79 -23.57 1.60
CA TYR B 197 -19.30 -23.70 1.41
C TYR B 197 -20.98 -23.11 2.44
C TYR B 197 -20.48 -23.09 2.14
N LEU B 198 -20.76 -22.15 3.34
N LEU B 198 -20.26 -21.99 2.86
CA LEU B 198 -21.84 -21.65 4.17
CA LEU B 198 -21.27 -21.49 3.80
C LEU B 198 -22.86 -20.85 3.35
C LEU B 198 -22.45 -20.86 3.07
N SER B 199 -22.39 -20.07 2.37
N SER B 199 -22.19 -19.93 2.16
CA SER B 199 -23.32 -19.27 1.58
CA SER B 199 -23.29 -19.22 1.51
C SER B 199 -24.12 -20.13 0.61
C SER B 199 -24.12 -20.12 0.61
N ALA B 200 -23.52 -21.21 0.10
CA ALA B 200 -24.30 -22.17 -0.68
C ALA B 200 -25.41 -22.79 0.16
N ARG B 201 -25.25 -22.79 1.48
CA ARG B 201 -26.26 -23.27 2.41
C ARG B 201 -27.06 -22.13 3.04
N GLY B 202 -27.00 -20.95 2.45
CA GLY B 202 -27.80 -19.82 2.89
C GLY B 202 -27.28 -19.12 4.13
N LYS B 203 -26.02 -19.30 4.48
CA LYS B 203 -25.45 -18.72 5.68
C LYS B 203 -24.49 -17.58 5.33
N LEU B 204 -24.57 -16.49 6.10
CA LEU B 204 -23.66 -15.37 5.99
C LEU B 204 -23.55 -14.77 4.58
N PRO B 205 -24.68 -14.40 3.97
CA PRO B 205 -24.58 -13.84 2.61
C PRO B 205 -23.79 -12.56 2.52
N ASN B 206 -23.88 -11.68 3.52
CA ASN B 206 -23.16 -10.42 3.44
C ASN B 206 -21.66 -10.63 3.63
N THR B 207 -21.27 -11.55 4.50
CA THR B 207 -19.87 -11.91 4.61
C THR B 207 -19.32 -12.42 3.28
N SER B 208 -20.11 -13.22 2.56
N SER B 208 -20.11 -13.21 2.55
CA SER B 208 -19.62 -13.71 1.26
CA SER B 208 -19.65 -13.70 1.26
C SER B 208 -19.51 -12.60 0.22
C SER B 208 -19.46 -12.57 0.26
N ASP B 209 -20.25 -11.50 0.38
CA ASP B 209 -20.02 -10.35 -0.48
C ASP B 209 -18.65 -9.73 -0.23
N ILE B 210 -18.23 -9.67 1.03
CA ILE B 210 -16.88 -9.20 1.34
C ILE B 210 -15.85 -10.14 0.75
N ILE B 211 -16.08 -11.46 0.89
CA ILE B 211 -15.13 -12.42 0.34
C ILE B 211 -14.99 -12.24 -1.17
N ARG B 212 -16.11 -12.01 -1.85
CA ARG B 212 -16.02 -11.79 -3.30
C ARG B 212 -15.27 -10.51 -3.65
N LEU B 213 -15.37 -9.45 -2.83
CA LEU B 213 -14.59 -8.24 -3.10
C LEU B 213 -13.11 -8.50 -2.89
N ILE B 214 -12.76 -9.27 -1.85
CA ILE B 214 -11.37 -9.67 -1.64
C ILE B 214 -10.85 -10.45 -2.84
N LEU B 215 -11.64 -11.45 -3.29
N LEU B 215 -11.65 -11.43 -3.30
CA LEU B 215 -11.22 -12.28 -4.41
CA LEU B 215 -11.26 -12.29 -4.41
C LEU B 215 -11.01 -11.46 -5.68
C LEU B 215 -11.05 -11.49 -5.69
N ARG B 216 -11.88 -10.49 -5.92
CA ARG B 216 -11.74 -9.67 -7.12
C ARG B 216 -10.37 -9.00 -7.17
N ASP B 217 -9.86 -8.59 -6.00
CA ASP B 217 -8.51 -8.04 -5.93
C ASP B 217 -7.45 -9.13 -6.06
N LYS B 218 -7.59 -10.24 -5.33
CA LYS B 218 -6.57 -11.28 -5.34
C LYS B 218 -6.30 -11.83 -6.73
N VAL B 219 -7.36 -11.99 -7.53
N VAL B 219 -7.35 -11.98 -7.55
CA VAL B 219 -7.21 -12.55 -8.87
CA VAL B 219 -7.11 -12.58 -8.86
C VAL B 219 -6.28 -11.67 -9.70
C VAL B 219 -6.27 -11.67 -9.73
N ILE B 220 -6.42 -10.35 -9.58
CA ILE B 220 -5.56 -9.42 -10.29
C ILE B 220 -4.14 -9.46 -9.74
N HIS B 221 -4.00 -9.52 -8.41
CA HIS B 221 -2.64 -9.56 -7.84
C HIS B 221 -1.87 -10.78 -8.35
N ASN B 222 -2.53 -11.94 -8.38
CA ASN B 222 -1.91 -13.17 -8.89
C ASN B 222 -1.57 -13.02 -10.38
N TYR B 223 -2.55 -12.58 -11.17
CA TYR B 223 -2.32 -12.39 -12.60
C TYR B 223 -1.13 -11.47 -12.86
N TYR B 224 -1.07 -10.33 -12.16
CA TYR B 224 -0.07 -9.33 -12.45
C TYR B 224 1.32 -9.78 -12.03
N SER B 225 1.44 -10.38 -10.85
CA SER B 225 2.74 -10.92 -10.46
C SER B 225 3.20 -12.01 -11.42
N GLY B 226 2.27 -12.85 -11.88
CA GLY B 226 2.64 -13.85 -12.86
C GLY B 226 3.04 -13.26 -14.21
N TYR B 227 2.36 -12.18 -14.61
CA TYR B 227 2.72 -11.48 -15.83
C TYR B 227 4.15 -10.93 -15.76
N LYS B 228 4.49 -10.30 -14.62
CA LYS B 228 5.84 -9.74 -14.46
C LYS B 228 6.89 -10.82 -14.31
N TYR B 229 6.56 -11.93 -13.64
CA TYR B 229 7.45 -13.08 -13.61
C TYR B 229 7.82 -13.52 -15.02
N GLN B 230 6.81 -13.68 -15.88
CA GLN B 230 7.06 -14.15 -17.23
C GLN B 230 7.88 -13.14 -18.02
N LYS B 231 7.69 -11.85 -17.77
CA LYS B 231 8.44 -10.83 -18.49
C LYS B 231 9.94 -10.96 -18.23
N LYS B 232 10.33 -11.20 -16.97
CA LYS B 232 11.74 -11.36 -16.65
C LYS B 232 12.28 -12.71 -17.06
N VAL B 233 11.55 -13.80 -16.80
N VAL B 233 11.53 -13.78 -16.79
CA VAL B 233 12.11 -15.12 -17.07
CA VAL B 233 12.05 -15.12 -17.06
C VAL B 233 12.27 -15.36 -18.57
C VAL B 233 12.28 -15.34 -18.55
N ALA B 234 11.45 -14.73 -19.40
CA ALA B 234 11.59 -14.91 -20.84
C ALA B 234 12.91 -14.38 -21.38
N LYS B 235 13.58 -13.50 -20.63
CA LYS B 235 14.87 -12.95 -21.05
C LYS B 235 16.06 -13.75 -20.54
N LEU B 236 15.83 -14.80 -19.76
CA LEU B 236 16.90 -15.60 -19.21
C LEU B 236 17.33 -16.67 -20.21
N SER B 237 18.54 -17.20 -19.98
CA SER B 237 19.03 -18.31 -20.77
C SER B 237 18.13 -19.52 -20.59
N PRO B 238 18.10 -20.44 -21.57
CA PRO B 238 17.26 -21.64 -21.42
C PRO B 238 17.56 -22.42 -20.15
N GLU B 239 18.82 -22.49 -19.74
CA GLU B 239 19.15 -23.21 -18.52
C GLU B 239 18.67 -22.47 -17.27
N LYS B 240 18.70 -21.13 -17.28
CA LYS B 240 18.17 -20.40 -16.15
C LYS B 240 16.64 -20.43 -16.11
N GLN B 241 16.00 -20.47 -17.28
CA GLN B 241 14.55 -20.68 -17.31
C GLN B 241 14.19 -22.04 -16.73
N ALA B 242 15.00 -23.06 -17.02
CA ALA B 242 14.72 -24.39 -16.49
C ALA B 242 14.92 -24.44 -14.98
N GLU B 243 15.97 -23.79 -14.47
CA GLU B 243 16.16 -23.71 -13.03
C GLU B 243 14.98 -23.01 -12.35
N MET B 244 14.45 -21.98 -12.99
CA MET B 244 13.35 -21.24 -12.39
C MET B 244 12.05 -22.06 -12.39
N LYS B 245 11.79 -22.79 -13.48
N LYS B 245 11.79 -22.79 -13.48
CA LYS B 245 10.62 -23.65 -13.52
CA LYS B 245 10.62 -23.65 -13.52
C LYS B 245 10.68 -24.72 -12.43
C LYS B 245 10.69 -24.71 -12.42
N GLU B 246 11.87 -25.30 -12.23
CA GLU B 246 12.03 -26.30 -11.16
C GLU B 246 11.80 -25.67 -9.80
N PHE B 247 12.27 -24.44 -9.60
CA PHE B 247 12.00 -23.75 -8.34
C PHE B 247 10.51 -23.57 -8.12
N VAL B 248 9.78 -23.11 -9.14
CA VAL B 248 8.36 -22.85 -9.01
C VAL B 248 7.61 -24.10 -8.61
N PHE B 249 7.87 -25.21 -9.32
CA PHE B 249 7.16 -26.45 -9.00
C PHE B 249 7.55 -26.97 -7.63
N LYS B 250 8.83 -26.90 -7.28
CA LYS B 250 9.28 -27.38 -5.98
C LYS B 250 8.63 -26.61 -4.85
N LEU B 251 8.65 -25.27 -4.94
CA LEU B 251 8.04 -24.46 -3.89
C LEU B 251 6.54 -24.69 -3.83
N LEU B 252 5.87 -24.80 -4.97
CA LEU B 252 4.42 -25.03 -4.98
C LEU B 252 4.07 -26.35 -4.30
N TYR B 253 4.74 -27.44 -4.67
CA TYR B 253 4.44 -28.72 -4.04
C TYR B 253 4.71 -28.69 -2.55
N GLU B 254 5.76 -27.96 -2.13
N GLU B 254 5.75 -27.96 -2.14
CA GLU B 254 6.02 -27.80 -0.71
CA GLU B 254 6.02 -27.81 -0.71
C GLU B 254 4.87 -27.09 -0.02
C GLU B 254 4.89 -27.07 -0.01
N LEU B 255 4.39 -25.99 -0.62
CA LEU B 255 3.27 -25.27 -0.03
C LEU B 255 1.99 -26.07 -0.09
N ILE B 256 1.81 -26.89 -1.13
CA ILE B 256 0.63 -27.76 -1.19
C ILE B 256 0.64 -28.72 -0.01
N ASP B 257 1.80 -29.30 0.29
CA ASP B 257 1.89 -30.21 1.43
C ASP B 257 1.60 -29.50 2.74
N LEU B 258 2.14 -28.30 2.93
CA LEU B 258 1.85 -27.54 4.14
C LEU B 258 0.39 -27.18 4.23
N GLU B 259 -0.23 -26.89 3.07
N GLU B 259 -0.21 -26.79 3.10
CA GLU B 259 -1.63 -26.48 3.05
CA GLU B 259 -1.64 -26.49 3.10
C GLU B 259 -2.55 -27.66 3.34
C GLU B 259 -2.47 -27.72 3.45
N LYS B 260 -2.31 -28.80 2.68
N LYS B 260 -1.95 -28.91 3.14
CA LYS B 260 -3.12 -29.99 2.95
CA LYS B 260 -2.63 -30.13 3.55
C LYS B 260 -3.10 -30.36 4.42
C LYS B 260 -2.58 -30.32 5.07
N ALA B 261 -1.93 -30.32 5.05
N ALA B 261 -1.39 -30.18 5.66
CA ALA B 261 -1.85 -30.63 6.47
CA ALA B 261 -1.25 -30.36 7.09
C ALA B 261 -2.62 -29.62 7.30
C ALA B 261 -2.09 -29.35 7.87
N TYR B 262 -2.55 -28.34 6.93
N TYR B 262 -2.19 -28.13 7.37
CA TYR B 262 -3.28 -27.31 7.65
CA TYR B 262 -2.95 -27.10 8.09
C TYR B 262 -4.78 -27.48 7.51
C TYR B 262 -4.45 -27.30 7.97
N LEU B 263 -5.26 -27.67 6.28
N LEU B 263 -4.94 -27.49 6.74
CA LEU B 263 -6.70 -27.80 6.05
CA LEU B 263 -6.38 -27.67 6.56
C LEU B 263 -7.27 -29.04 6.71
C LEU B 263 -6.88 -28.93 7.26
N LYS B 264 -6.51 -30.14 6.69
N LYS B 264 -6.02 -29.94 7.39
CA LYS B 264 -6.95 -31.34 7.39
CA LYS B 264 -6.39 -31.12 8.15
C LYS B 264 -7.11 -31.08 8.89
C LYS B 264 -6.52 -30.80 9.64
N GLU B 265 -6.20 -30.31 9.49
N GLU B 265 -5.63 -29.98 10.18
CA GLU B 265 -6.37 -29.97 10.90
CA GLU B 265 -5.78 -29.54 11.57
C GLU B 265 -7.52 -29.00 11.11
C GLU B 265 -6.92 -28.53 11.71
N LEU B 266 -7.63 -27.99 10.26
N LEU B 266 -7.06 -27.64 10.72
CA LEU B 266 -8.63 -26.95 10.44
CA LEU B 266 -8.10 -26.62 10.78
C LEU B 266 -10.04 -27.50 10.35
C LEU B 266 -9.50 -27.25 10.73
N TYR B 267 -10.31 -28.34 9.35
N TYR B 267 -9.70 -28.23 9.85
CA TYR B 267 -11.65 -28.82 9.04
CA TYR B 267 -11.02 -28.74 9.52
C TYR B 267 -11.94 -30.21 9.61
C TYR B 267 -11.23 -30.18 9.99
N GLU B 268 -11.06 -30.74 10.45
N GLU B 268 -10.53 -30.62 11.03
CA GLU B 268 -11.13 -32.16 10.83
CA GLU B 268 -10.59 -32.04 11.39
C GLU B 268 -12.49 -32.53 11.41
C GLU B 268 -11.98 -32.44 11.88
N ASP B 269 -13.09 -31.65 12.22
N ASP B 269 -12.55 -31.67 12.81
CA ASP B 269 -14.35 -31.99 12.87
CA ASP B 269 -13.83 -32.03 13.40
C ASP B 269 -15.57 -31.73 11.99
C ASP B 269 -15.00 -31.88 12.45
N PHE B 270 -15.37 -31.30 10.76
N PHE B 270 -14.80 -31.30 11.27
CA PHE B 270 -16.45 -30.82 9.92
CA PHE B 270 -15.90 -30.88 10.42
C PHE B 270 -16.56 -31.53 8.57
C PHE B 270 -16.01 -31.65 9.11
N GLY B 271 -15.58 -32.32 8.19
N GLY B 271 -14.99 -32.42 8.73
CA GLY B 271 -15.65 -33.05 6.94
CA GLY B 271 -15.01 -33.14 7.48
C GLY B 271 -15.59 -32.18 5.69
C GLY B 271 -14.65 -32.32 6.26
N LEU B 272 -14.86 -31.06 5.75
N LEU B 272 -14.23 -31.08 6.42
CA LEU B 272 -14.74 -30.15 4.63
CA LEU B 272 -14.00 -30.17 5.29
C LEU B 272 -13.41 -30.25 3.90
C LEU B 272 -12.59 -30.22 4.72
N ALA B 273 -12.42 -30.93 4.48
N ALA B 273 -11.65 -30.89 5.39
CA ALA B 273 -11.05 -30.81 4.00
CA ALA B 273 -10.25 -30.78 4.99
C ALA B 273 -10.89 -31.32 2.57
C ALA B 273 -9.99 -31.46 3.65
N ASP B 274 -11.45 -32.49 2.26
N ASP B 274 -10.51 -32.67 3.47
CA ASP B 274 -11.20 -33.02 0.91
CA ASP B 274 -10.34 -33.38 2.20
C ASP B 274 -11.76 -32.10 -0.17
C ASP B 274 -10.86 -32.52 1.04
N ASP B 275 -12.95 -31.53 0.04
N ASP B 275 -11.99 -31.86 1.23
CA ASP B 275 -13.50 -30.58 -0.92
CA ASP B 275 -12.57 -31.05 0.17
C ASP B 275 -12.70 -29.28 -0.93
C ASP B 275 -11.77 -29.76 -0.05
N ALA B 276 -12.33 -28.78 0.24
N ALA B 276 -11.37 -29.09 1.04
CA ALA B 276 -11.54 -27.55 0.30
CA ALA B 276 -10.59 -27.86 0.91
C ALA B 276 -10.16 -27.74 -0.33
C ALA B 276 -9.22 -28.12 0.30
N ILE B 277 -9.58 -28.94 -0.20
N ILE B 277 -8.70 -29.35 0.45
CA ILE B 277 -8.28 -29.21 -0.81
CA ILE B 277 -7.39 -29.68 -0.11
C ILE B 277 -8.39 -29.19 -2.33
C ILE B 277 -7.48 -29.86 -1.62
N ARG B 278 -9.44 -29.81 -2.88
N ARG B 278 -8.50 -30.58 -2.09
CA ARG B 278 -9.65 -29.75 -4.32
CA ARG B 278 -8.73 -30.68 -3.53
C ARG B 278 -9.89 -28.33 -4.79
C ARG B 278 -8.95 -29.30 -4.14
N PHE B 279 -10.62 -27.54 -3.99
N PHE B 279 -9.68 -28.45 -3.42
CA PHE B 279 -10.79 -26.12 -4.26
CA PHE B 279 -9.88 -27.07 -3.85
C PHE B 279 -9.45 -25.41 -4.28
C PHE B 279 -8.54 -26.33 -3.92
N SER B 280 -8.59 -25.71 -3.31
N SER B 280 -7.64 -26.62 -2.97
CA SER B 280 -7.25 -25.12 -3.25
CA SER B 280 -6.37 -25.91 -2.92
C SER B 280 -6.40 -25.53 -4.44
C SER B 280 -5.47 -26.25 -4.09
N VAL B 281 -6.43 -26.82 -4.80
N VAL B 281 -5.27 -27.56 -4.36
CA VAL B 281 -5.57 -27.30 -5.89
CA VAL B 281 -4.37 -27.93 -5.45
C VAL B 281 -6.07 -26.79 -7.24
C VAL B 281 -4.95 -27.52 -6.79
N TYR B 282 -7.38 -26.60 -7.39
N TYR B 282 -6.27 -27.40 -6.89
CA TYR B 282 -7.90 -25.96 -8.60
CA TYR B 282 -6.89 -26.83 -8.09
C TYR B 282 -7.22 -24.62 -8.82
C TYR B 282 -6.31 -25.46 -8.38
N ASN B 283 -7.12 -23.80 -7.77
N ASN B 283 -6.38 -24.56 -7.39
CA ASN B 283 -6.47 -22.52 -7.91
CA ASN B 283 -5.87 -23.22 -7.57
C ASN B 283 -4.95 -22.65 -8.01
C ASN B 283 -4.35 -23.18 -7.66
N ALA B 284 -4.39 -23.73 -7.46
N ALA B 284 -3.67 -24.24 -7.23
CA ALA B 284 -2.98 -24.01 -7.71
CA ALA B 284 -2.25 -24.36 -7.54
C ALA B 284 -2.72 -24.16 -9.21
C ALA B 284 -2.01 -24.49 -9.03
N GLY B 285 -3.62 -24.85 -9.91
N GLY B 285 -2.95 -25.11 -9.75
CA GLY B 285 -3.49 -24.94 -11.36
CA GLY B 285 -2.81 -25.23 -11.19
C GLY B 285 -3.55 -23.59 -12.02
C GLY B 285 -3.01 -23.93 -11.92
N LYS B 286 -4.45 -22.72 -11.55
N LYS B 286 -4.00 -23.14 -11.49
CA LYS B 286 -4.54 -21.38 -12.12
CA LYS B 286 -4.27 -21.86 -12.16
C LYS B 286 -3.31 -20.54 -11.78
C LYS B 286 -3.16 -20.85 -11.87
N PHE B 287 -2.66 -20.83 -10.64
CA PHE B 287 -1.42 -20.13 -10.33
C PHE B 287 -0.33 -20.50 -11.33
N LEU B 288 -0.14 -21.80 -11.58
CA LEU B 288 0.86 -22.23 -12.54
C LEU B 288 0.60 -21.63 -13.92
N GLN B 289 -0.66 -21.62 -14.36
CA GLN B 289 -0.99 -21.05 -15.66
C GLN B 289 -0.71 -19.55 -15.72
N ASN B 290 -0.91 -18.84 -14.61
CA ASN B 290 -0.58 -17.41 -14.59
C ASN B 290 0.92 -17.16 -14.64
N LEU B 291 1.75 -18.17 -14.36
CA LEU B 291 3.18 -18.04 -14.53
C LEU B 291 3.67 -18.62 -15.84
N GLY B 292 2.77 -19.08 -16.70
CA GLY B 292 3.13 -19.60 -18.00
C GLY B 292 3.36 -21.09 -18.07
N TYR B 293 3.03 -21.83 -17.02
CA TYR B 293 3.26 -23.27 -16.98
C TYR B 293 1.95 -24.03 -17.08
N ASP B 294 2.06 -25.30 -17.48
CA ASP B 294 0.88 -26.16 -17.57
C ASP B 294 0.59 -26.77 -16.20
N SER B 295 -0.70 -26.90 -15.90
CA SER B 295 -1.11 -27.54 -14.64
C SER B 295 -1.01 -29.05 -14.77
N PRO B 296 -0.30 -29.73 -13.86
CA PRO B 296 -0.22 -31.20 -13.89
C PRO B 296 -1.34 -31.89 -13.14
N PHE B 297 -2.29 -31.14 -12.58
CA PHE B 297 -3.28 -31.71 -11.68
C PHE B 297 -4.47 -32.26 -12.44
N THR B 298 -5.03 -33.36 -11.93
CA THR B 298 -6.12 -34.06 -12.60
C THR B 298 -7.46 -33.39 -12.30
N GLU B 299 -8.46 -33.74 -13.10
CA GLU B 299 -9.81 -33.26 -12.87
C GLU B 299 -10.33 -33.67 -11.50
N GLU B 300 -9.99 -34.88 -11.05
CA GLU B 300 -10.45 -35.34 -9.75
C GLU B 300 -9.72 -34.66 -8.61
N GLU B 301 -8.45 -34.27 -8.83
CA GLU B 301 -7.71 -33.50 -7.84
C GLU B 301 -8.24 -32.08 -7.67
N THR B 302 -9.00 -31.59 -8.64
CA THR B 302 -9.40 -30.20 -8.71
C THR B 302 -10.92 -30.02 -8.72
N ARG B 303 -11.67 -31.07 -8.36
CA ARG B 303 -13.11 -31.05 -8.51
C ARG B 303 -13.77 -30.08 -7.53
N ILE B 304 -14.49 -29.10 -8.07
CA ILE B 304 -15.29 -28.17 -7.28
C ILE B 304 -16.75 -28.48 -7.56
N GLU B 305 -17.54 -28.64 -6.51
CA GLU B 305 -18.96 -28.91 -6.69
C GLU B 305 -19.64 -27.69 -7.28
N PRO B 306 -20.63 -27.86 -8.16
CA PRO B 306 -21.27 -26.71 -8.80
C PRO B 306 -21.78 -25.65 -7.84
N GLU B 307 -22.27 -26.04 -6.66
CA GLU B 307 -22.73 -25.06 -5.68
C GLU B 307 -21.59 -24.15 -5.23
N ILE B 308 -20.37 -24.68 -5.16
CA ILE B 308 -19.23 -23.88 -4.73
C ILE B 308 -18.78 -22.95 -5.84
N PHE B 309 -18.74 -23.46 -7.08
CA PHE B 309 -18.25 -22.64 -8.19
C PHE B 309 -19.17 -21.46 -8.47
N THR B 310 -20.48 -21.61 -8.24
CA THR B 310 -21.39 -20.49 -8.41
C THR B 310 -21.10 -19.39 -7.39
N GLN B 311 -20.80 -19.77 -6.14
CA GLN B 311 -20.36 -18.78 -5.16
C GLN B 311 -19.05 -18.14 -5.58
N LEU B 312 -18.14 -18.94 -6.16
CA LEU B 312 -16.88 -18.41 -6.66
C LEU B 312 -17.11 -17.33 -7.71
N SER B 313 -18.04 -17.57 -8.63
CA SER B 313 -18.17 -16.78 -9.85
C SER B 313 -19.23 -15.70 -9.78
N ALA B 314 -19.91 -15.54 -8.64
CA ALA B 314 -20.95 -14.52 -8.52
C ALA B 314 -20.37 -13.11 -8.63
N TRP B 343 -28.52 -32.44 3.78
CA TRP B 343 -28.95 -33.17 4.96
C TRP B 343 -27.81 -33.28 5.97
N GLU B 344 -26.58 -33.12 5.47
CA GLU B 344 -25.38 -33.30 6.27
C GLU B 344 -25.07 -32.10 7.16
N PHE B 345 -25.73 -30.97 6.94
CA PHE B 345 -25.34 -29.72 7.60
C PHE B 345 -26.30 -29.30 8.70
CA CA C . 6.81 38.85 -6.33
CA CA D . -15.39 -34.14 3.35
#